data_3LBK
# 
_entry.id   3LBK 
# 
_audit_conform.dict_name       mmcif_pdbx.dic 
_audit_conform.dict_version    5.380 
_audit_conform.dict_location   http://mmcif.pdb.org/dictionaries/ascii/mmcif_pdbx.dic 
# 
loop_
_database_2.database_id 
_database_2.database_code 
_database_2.pdbx_database_accession 
_database_2.pdbx_DOI 
PDB   3LBK         pdb_00003lbk 10.2210/pdb3lbk/pdb 
RCSB  RCSB057074   ?            ?                   
WWPDB D_1000057074 ?            ?                   
# 
loop_
_pdbx_database_related.db_name 
_pdbx_database_related.db_id 
_pdbx_database_related.details 
_pdbx_database_related.content_type 
PDB 1YCR 'Mdm2 protein bound to p53 transactivation domain.' unspecified 
PDB 3LBJ .                                                   unspecified 
PDB 3LBL .                                                   unspecified 
# 
_pdbx_database_status.status_code                     REL 
_pdbx_database_status.entry_id                        3LBK 
_pdbx_database_status.recvd_initial_deposition_date   2010-01-08 
_pdbx_database_status.deposit_site                    RCSB 
_pdbx_database_status.process_site                    PDBJ 
_pdbx_database_status.status_code_sf                  REL 
_pdbx_database_status.status_code_mr                  ? 
_pdbx_database_status.SG_entry                        ? 
_pdbx_database_status.pdb_format_compatible           Y 
_pdbx_database_status.status_code_cs                  ? 
_pdbx_database_status.methods_development_category    ? 
_pdbx_database_status.status_code_nmr_data            ? 
# 
loop_
_audit_author.name 
_audit_author.pdbx_ordinal 
'Popowicz, G.M.' 1 
'Czarna, A.'     2 
'Wolf, S.'       3 
'Holak, T.A.'    4 
# 
_citation.id                        primary 
_citation.title                     
;Structures of low molecular weight inhibitors bound to MDMX and MDM2 reveal new approaches for p53-MDMX/MDM2 antagonist drug discovery
;
_citation.journal_abbrev            'Cell Cycle' 
_citation.journal_volume            9 
_citation.page_first                1104 
_citation.page_last                 1111 
_citation.year                      2010 
_citation.journal_id_ASTM           ? 
_citation.country                   US 
_citation.journal_id_ISSN           1551-4005 
_citation.journal_id_CSD            ? 
_citation.book_publisher            ? 
_citation.pdbx_database_id_PubMed   20237429 
_citation.pdbx_database_id_DOI      10.4161/cc.9.6.10956 
# 
loop_
_citation_author.citation_id 
_citation_author.name 
_citation_author.ordinal 
_citation_author.identifier_ORCID 
primary 'Popowicz, G.M.' 1 ? 
primary 'Czarna, A.'     2 ? 
primary 'Wolf, S.'       3 ? 
primary 'Wang, K.'       4 ? 
primary 'Wang, W.'       5 ? 
primary 'Domling, A.'    6 ? 
primary 'Holak, T.A.'    7 ? 
# 
_cell.entry_id           3LBK 
_cell.length_a           60.460 
_cell.length_b           60.460 
_cell.length_c           48.050 
_cell.angle_alpha        90.00 
_cell.angle_beta         90.00 
_cell.angle_gamma        90.00 
_cell.Z_PDB              8 
_cell.pdbx_unique_axis   ? 
_cell.length_a_esd       ? 
_cell.length_b_esd       ? 
_cell.length_c_esd       ? 
_cell.angle_alpha_esd    ? 
_cell.angle_beta_esd     ? 
_cell.angle_gamma_esd    ? 
# 
_symmetry.entry_id                         3LBK 
_symmetry.space_group_name_H-M             'P 41 2 2' 
_symmetry.pdbx_full_space_group_name_H-M   ? 
_symmetry.cell_setting                     ? 
_symmetry.Int_Tables_number                91 
_symmetry.space_group_name_Hall            ? 
# 
loop_
_entity.id 
_entity.type 
_entity.src_method 
_entity.pdbx_description 
_entity.formula_weight 
_entity.pdbx_number_of_molecules 
_entity.pdbx_ec 
_entity.pdbx_mutation 
_entity.pdbx_fragment 
_entity.details 
1 polymer     man 'E3 ubiquitin-protein ligase Mdm2'                                                      11159.074 1  6.3.2.- 
L33E 'p53 binding domain' ? 
2 non-polymer syn '6-chloro-3-[1-(4-chlorobenzyl)-4-phenyl-1H-imidazol-5-yl]-1H-indole-2-carboxylic acid' 462.327   1  ?       ? ? 
? 
3 non-polymer syn 'SULFATE ION'                                                                           96.063    1  ?       ? ? 
? 
4 water       nat water                                                                                   18.015    20 ?       ? ? 
? 
# 
_entity_name_com.entity_id   1 
_entity_name_com.name        'p53-binding protein Mdm2, Oncoprotein Mdm2, Double minute 2 protein, Hdm2' 
# 
_entity_poly.entity_id                      1 
_entity_poly.type                           'polypeptide(L)' 
_entity_poly.nstd_linkage                   no 
_entity_poly.nstd_monomer                   no 
_entity_poly.pdbx_seq_one_letter_code       
;MQIPASEQETLVRPKPELLKLLKSVGAQKDTYTMKEVLFYLGQYIMTKRLYDEKQQHIVYCSNDLLGDLFGVPSFSVKEH
RKIYTMIYRNLVVVN
;
_entity_poly.pdbx_seq_one_letter_code_can   
;MQIPASEQETLVRPKPELLKLLKSVGAQKDTYTMKEVLFYLGQYIMTKRLYDEKQQHIVYCSNDLLGDLFGVPSFSVKEH
RKIYTMIYRNLVVVN
;
_entity_poly.pdbx_strand_id                 A 
_entity_poly.pdbx_target_identifier         ? 
# 
loop_
_entity_poly_seq.entity_id 
_entity_poly_seq.num 
_entity_poly_seq.mon_id 
_entity_poly_seq.hetero 
1 1  MET n 
1 2  GLN n 
1 3  ILE n 
1 4  PRO n 
1 5  ALA n 
1 6  SER n 
1 7  GLU n 
1 8  GLN n 
1 9  GLU n 
1 10 THR n 
1 11 LEU n 
1 12 VAL n 
1 13 ARG n 
1 14 PRO n 
1 15 LYS n 
1 16 PRO n 
1 17 GLU n 
1 18 LEU n 
1 19 LEU n 
1 20 LYS n 
1 21 LEU n 
1 22 LEU n 
1 23 LYS n 
1 24 SER n 
1 25 VAL n 
1 26 GLY n 
1 27 ALA n 
1 28 GLN n 
1 29 LYS n 
1 30 ASP n 
1 31 THR n 
1 32 TYR n 
1 33 THR n 
1 34 MET n 
1 35 LYS n 
1 36 GLU n 
1 37 VAL n 
1 38 LEU n 
1 39 PHE n 
1 40 TYR n 
1 41 LEU n 
1 42 GLY n 
1 43 GLN n 
1 44 TYR n 
1 45 ILE n 
1 46 MET n 
1 47 THR n 
1 48 LYS n 
1 49 ARG n 
1 50 LEU n 
1 51 TYR n 
1 52 ASP n 
1 53 GLU n 
1 54 LYS n 
1 55 GLN n 
1 56 GLN n 
1 57 HIS n 
1 58 ILE n 
1 59 VAL n 
1 60 TYR n 
1 61 CYS n 
1 62 SER n 
1 63 ASN n 
1 64 ASP n 
1 65 LEU n 
1 66 LEU n 
1 67 GLY n 
1 68 ASP n 
1 69 LEU n 
1 70 PHE n 
1 71 GLY n 
1 72 VAL n 
1 73 PRO n 
1 74 SER n 
1 75 PHE n 
1 76 SER n 
1 77 VAL n 
1 78 LYS n 
1 79 GLU n 
1 80 HIS n 
1 81 ARG n 
1 82 LYS n 
1 83 ILE n 
1 84 TYR n 
1 85 THR n 
1 86 MET n 
1 87 ILE n 
1 88 TYR n 
1 89 ARG n 
1 90 ASN n 
1 91 LEU n 
1 92 VAL n 
1 93 VAL n 
1 94 VAL n 
1 95 ASN n 
# 
_entity_src_gen.entity_id                          1 
_entity_src_gen.pdbx_src_id                        1 
_entity_src_gen.pdbx_alt_source_flag               sample 
_entity_src_gen.pdbx_seq_type                      ? 
_entity_src_gen.pdbx_beg_seq_num                   ? 
_entity_src_gen.pdbx_end_seq_num                   ? 
_entity_src_gen.gene_src_common_name               human 
_entity_src_gen.gene_src_genus                     ? 
_entity_src_gen.pdbx_gene_src_gene                 MDM2 
_entity_src_gen.gene_src_species                   ? 
_entity_src_gen.gene_src_strain                    ? 
_entity_src_gen.gene_src_tissue                    ? 
_entity_src_gen.gene_src_tissue_fraction           ? 
_entity_src_gen.gene_src_details                   ? 
_entity_src_gen.pdbx_gene_src_fragment             ? 
_entity_src_gen.pdbx_gene_src_scientific_name      'Homo sapiens' 
_entity_src_gen.pdbx_gene_src_ncbi_taxonomy_id     9606 
_entity_src_gen.pdbx_gene_src_variant              ? 
_entity_src_gen.pdbx_gene_src_cell_line            ? 
_entity_src_gen.pdbx_gene_src_atcc                 ? 
_entity_src_gen.pdbx_gene_src_organ                ? 
_entity_src_gen.pdbx_gene_src_organelle            ? 
_entity_src_gen.pdbx_gene_src_cell                 ? 
_entity_src_gen.pdbx_gene_src_cellular_location    ? 
_entity_src_gen.host_org_common_name               ? 
_entity_src_gen.pdbx_host_org_scientific_name      'Escherichia coli' 
_entity_src_gen.pdbx_host_org_ncbi_taxonomy_id     562 
_entity_src_gen.host_org_genus                     ? 
_entity_src_gen.pdbx_host_org_gene                 ? 
_entity_src_gen.pdbx_host_org_organ                ? 
_entity_src_gen.host_org_species                   ? 
_entity_src_gen.pdbx_host_org_tissue               ? 
_entity_src_gen.pdbx_host_org_tissue_fraction      ? 
_entity_src_gen.pdbx_host_org_strain               'BL21 DE3' 
_entity_src_gen.pdbx_host_org_variant              ? 
_entity_src_gen.pdbx_host_org_cell_line            ? 
_entity_src_gen.pdbx_host_org_atcc                 ? 
_entity_src_gen.pdbx_host_org_culture_collection   ? 
_entity_src_gen.pdbx_host_org_cell                 ? 
_entity_src_gen.pdbx_host_org_organelle            ? 
_entity_src_gen.pdbx_host_org_cellular_location    ? 
_entity_src_gen.pdbx_host_org_vector_type          plasmid 
_entity_src_gen.pdbx_host_org_vector               ? 
_entity_src_gen.host_org_details                   ? 
_entity_src_gen.expression_system_id               ? 
_entity_src_gen.plasmid_name                       'pET-46 Ek/LIC' 
_entity_src_gen.plasmid_details                    ? 
_entity_src_gen.pdbx_description                   ? 
# 
_struct_ref.id                         1 
_struct_ref.db_name                    UNP 
_struct_ref.db_code                    MDM2_HUMAN 
_struct_ref.pdbx_db_accession          Q00987 
_struct_ref.entity_id                  1 
_struct_ref.pdbx_seq_one_letter_code   
;QIPASEQETLVRPKPLLLKLLKSVGAQKDTYTMKEVLFYLGQYIMTKRLYDEKQQHIVYCSNDLLGDLFGVPSFSVKEHR
KIYTMIYRNLVVVN
;
_struct_ref.pdbx_align_begin           18 
_struct_ref.pdbx_db_isoform            ? 
# 
_struct_ref_seq.align_id                      1 
_struct_ref_seq.ref_id                        1 
_struct_ref_seq.pdbx_PDB_id_code              3LBK 
_struct_ref_seq.pdbx_strand_id                A 
_struct_ref_seq.seq_align_beg                 2 
_struct_ref_seq.pdbx_seq_align_beg_ins_code   ? 
_struct_ref_seq.seq_align_end                 95 
_struct_ref_seq.pdbx_seq_align_end_ins_code   ? 
_struct_ref_seq.pdbx_db_accession             Q00987 
_struct_ref_seq.db_align_beg                  18 
_struct_ref_seq.pdbx_db_align_beg_ins_code    ? 
_struct_ref_seq.db_align_end                  111 
_struct_ref_seq.pdbx_db_align_end_ins_code    ? 
_struct_ref_seq.pdbx_auth_seq_align_beg       18 
_struct_ref_seq.pdbx_auth_seq_align_end       111 
# 
loop_
_struct_ref_seq_dif.align_id 
_struct_ref_seq_dif.pdbx_pdb_id_code 
_struct_ref_seq_dif.mon_id 
_struct_ref_seq_dif.pdbx_pdb_strand_id 
_struct_ref_seq_dif.seq_num 
_struct_ref_seq_dif.pdbx_pdb_ins_code 
_struct_ref_seq_dif.pdbx_seq_db_name 
_struct_ref_seq_dif.pdbx_seq_db_accession_code 
_struct_ref_seq_dif.db_mon_id 
_struct_ref_seq_dif.pdbx_seq_db_seq_num 
_struct_ref_seq_dif.details 
_struct_ref_seq_dif.pdbx_auth_seq_num 
_struct_ref_seq_dif.pdbx_ordinal 
1 3LBK MET A 1  ? UNP Q00987 ?   ?  'expression tag'      17 1 
1 3LBK GLU A 17 ? UNP Q00987 LEU 33 'engineered mutation' 33 2 
# 
loop_
_chem_comp.id 
_chem_comp.type 
_chem_comp.mon_nstd_flag 
_chem_comp.name 
_chem_comp.pdbx_synonyms 
_chem_comp.formula 
_chem_comp.formula_weight 
ALA 'L-peptide linking' y ALANINE                                                                                 ? 'C3 H7 N O2' 
89.093  
ARG 'L-peptide linking' y ARGININE                                                                                ? 
'C6 H15 N4 O2 1'    175.209 
ASN 'L-peptide linking' y ASPARAGINE                                                                              ? 'C4 H8 N2 O3' 
132.118 
ASP 'L-peptide linking' y 'ASPARTIC ACID'                                                                         ? 'C4 H7 N O4' 
133.103 
CYS 'L-peptide linking' y CYSTEINE                                                                                ? 'C3 H7 N O2 S' 
121.158 
GLN 'L-peptide linking' y GLUTAMINE                                                                               ? 'C5 H10 N2 O3' 
146.144 
GLU 'L-peptide linking' y 'GLUTAMIC ACID'                                                                         ? 'C5 H9 N O4' 
147.129 
GLY 'peptide linking'   y GLYCINE                                                                                 ? 'C2 H5 N O2' 
75.067  
HIS 'L-peptide linking' y HISTIDINE                                                                               ? 
'C6 H10 N3 O2 1'    156.162 
HOH non-polymer         . WATER                                                                                   ? 'H2 O' 18.015  
ILE 'L-peptide linking' y ISOLEUCINE                                                                              ? 'C6 H13 N O2' 
131.173 
K23 non-polymer         . '6-chloro-3-[1-(4-chlorobenzyl)-4-phenyl-1H-imidazol-5-yl]-1H-indole-2-carboxylic acid' ? 
'C25 H17 Cl2 N3 O2' 462.327 
LEU 'L-peptide linking' y LEUCINE                                                                                 ? 'C6 H13 N O2' 
131.173 
LYS 'L-peptide linking' y LYSINE                                                                                  ? 
'C6 H15 N2 O2 1'    147.195 
MET 'L-peptide linking' y METHIONINE                                                                              ? 
'C5 H11 N O2 S'     149.211 
PHE 'L-peptide linking' y PHENYLALANINE                                                                           ? 'C9 H11 N O2' 
165.189 
PRO 'L-peptide linking' y PROLINE                                                                                 ? 'C5 H9 N O2' 
115.130 
SER 'L-peptide linking' y SERINE                                                                                  ? 'C3 H7 N O3' 
105.093 
SO4 non-polymer         . 'SULFATE ION'                                                                           ? 'O4 S -2' 
96.063  
THR 'L-peptide linking' y THREONINE                                                                               ? 'C4 H9 N O3' 
119.119 
TYR 'L-peptide linking' y TYROSINE                                                                                ? 'C9 H11 N O3' 
181.189 
VAL 'L-peptide linking' y VALINE                                                                                  ? 'C5 H11 N O2' 
117.146 
# 
_exptl.entry_id          3LBK 
_exptl.method            'X-RAY DIFFRACTION' 
_exptl.crystals_number   1 
# 
_exptl_crystal.id                    1 
_exptl_crystal.density_meas          ? 
_exptl_crystal.density_Matthews      1.97 
_exptl_crystal.density_percent_sol   37.48 
_exptl_crystal.description           ? 
_exptl_crystal.F_000                 ? 
_exptl_crystal.preparation           ? 
# 
_exptl_crystal_grow.crystal_id      1 
_exptl_crystal_grow.method          'VAPOR DIFFUSION, SITTING DROP' 
_exptl_crystal_grow.temp            300 
_exptl_crystal_grow.temp_details    ? 
_exptl_crystal_grow.pH              4.5 
_exptl_crystal_grow.pdbx_details    
'0.1M sodium-acetate-trihydrate, 2M ammonium sulfate, pH 4.5, VAPOR DIFFUSION, SITTING DROP, temperature 300K' 
_exptl_crystal_grow.pdbx_pH_range   . 
# 
_diffrn.id                     1 
_diffrn.ambient_temp           90 
_diffrn.ambient_temp_details   ? 
_diffrn.crystal_id             1 
# 
_diffrn_detector.diffrn_id              1 
_diffrn_detector.detector               CCD 
_diffrn_detector.type                   'MAR CCD 165 mm' 
_diffrn_detector.pdbx_collection_date   2009-05-25 
_diffrn_detector.details                'monochromator, mirror' 
# 
_diffrn_radiation.diffrn_id                        1 
_diffrn_radiation.wavelength_id                    1 
_diffrn_radiation.pdbx_monochromatic_or_laue_m_l   M 
_diffrn_radiation.monochromator                    Si 
_diffrn_radiation.pdbx_diffrn_protocol             'SINGLE WAVELENGTH' 
_diffrn_radiation.pdbx_scattering_type             x-ray 
# 
_diffrn_radiation_wavelength.id           1 
_diffrn_radiation_wavelength.wavelength   1.00 
_diffrn_radiation_wavelength.wt           1.0 
# 
_diffrn_source.diffrn_id                   1 
_diffrn_source.source                      SYNCHROTRON 
_diffrn_source.type                        'SLS BEAMLINE X10SA' 
_diffrn_source.pdbx_synchrotron_site       SLS 
_diffrn_source.pdbx_synchrotron_beamline   X10SA 
_diffrn_source.pdbx_wavelength             ? 
_diffrn_source.pdbx_wavelength_list        1.00 
# 
_reflns.entry_id                     3LBK 
_reflns.observed_criterion_sigma_I   2 
_reflns.observed_criterion_sigma_F   2 
_reflns.d_resolution_low             30 
_reflns.d_resolution_high            2.2 
_reflns.number_obs                   6949 
_reflns.number_all                   7896 
_reflns.percent_possible_obs         88.6 
_reflns.pdbx_Rmerge_I_obs            0.079 
_reflns.pdbx_Rsym_value              ? 
_reflns.pdbx_netI_over_sigmaI        12.1 
_reflns.B_iso_Wilson_estimate        ? 
_reflns.pdbx_redundancy              ? 
_reflns.R_free_details               ? 
_reflns.limit_h_max                  ? 
_reflns.limit_h_min                  ? 
_reflns.limit_k_max                  ? 
_reflns.limit_k_min                  ? 
_reflns.limit_l_max                  ? 
_reflns.limit_l_min                  ? 
_reflns.observed_criterion_F_max     ? 
_reflns.observed_criterion_F_min     ? 
_reflns.pdbx_chi_squared             ? 
_reflns.pdbx_scaling_rejects         ? 
_reflns.pdbx_diffrn_id               1 
_reflns.pdbx_ordinal                 1 
# 
_reflns_shell.d_res_high             2.2 
_reflns_shell.d_res_low              2.3 
_reflns_shell.percent_possible_all   80.4 
_reflns_shell.Rmerge_I_obs           0.502 
_reflns_shell.pdbx_Rsym_value        ? 
_reflns_shell.meanI_over_sigI_obs    1.8 
_reflns_shell.pdbx_redundancy        ? 
_reflns_shell.percent_possible_obs   ? 
_reflns_shell.number_unique_all      ? 
_reflns_shell.number_measured_all    ? 
_reflns_shell.number_measured_obs    ? 
_reflns_shell.number_unique_obs      ? 
_reflns_shell.pdbx_chi_squared       ? 
_reflns_shell.pdbx_diffrn_id         ? 
_reflns_shell.pdbx_ordinal           1 
# 
_refine.entry_id                                 3LBK 
_refine.ls_number_reflns_obs                     6613 
_refine.ls_number_reflns_all                     6949 
_refine.pdbx_ls_sigma_I                          ? 
_refine.pdbx_ls_sigma_F                          2 
_refine.pdbx_data_cutoff_high_absF               ? 
_refine.pdbx_data_cutoff_low_absF                ? 
_refine.pdbx_data_cutoff_high_rms_absF           ? 
_refine.ls_d_res_low                             20.00 
_refine.ls_d_res_high                            2.30 
_refine.ls_percent_reflns_obs                    88.61 
_refine.ls_R_factor_obs                          0.20942 
_refine.ls_R_factor_all                          0.21 
_refine.ls_R_factor_R_work                       0.20745 
_refine.ls_R_factor_R_free                       0.25145 
_refine.ls_R_factor_R_free_error                 ? 
_refine.ls_R_factor_R_free_error_details         ? 
_refine.ls_percent_reflns_R_free                 4.7 
_refine.ls_number_reflns_R_free                  323 
_refine.ls_number_parameters                     ? 
_refine.ls_number_restraints                     ? 
_refine.occupancy_min                            ? 
_refine.occupancy_max                            ? 
_refine.correlation_coeff_Fo_to_Fc               0.948 
_refine.correlation_coeff_Fo_to_Fc_free          0.926 
_refine.B_iso_mean                               39.097 
_refine.aniso_B[1][1]                            1.28 
_refine.aniso_B[2][2]                            1.28 
_refine.aniso_B[3][3]                            -2.56 
_refine.aniso_B[1][2]                            0.00 
_refine.aniso_B[1][3]                            0.00 
_refine.aniso_B[2][3]                            0.00 
_refine.solvent_model_details                    MASK 
_refine.solvent_model_param_ksol                 ? 
_refine.solvent_model_param_bsol                 ? 
_refine.pdbx_solvent_vdw_probe_radii             1.20 
_refine.pdbx_solvent_ion_probe_radii             0.80 
_refine.pdbx_solvent_shrinkage_radii             0.80 
_refine.pdbx_ls_cross_valid_method               THROUGHOUT 
_refine.details                                  'HYDROGENS HAVE BEEN ADDED IN THE RIDING POSITIONS' 
_refine.pdbx_starting_model                      1RV1 
_refine.pdbx_method_to_determine_struct          'MOLECULAR REPLACEMENT' 
_refine.pdbx_isotropic_thermal_model             ? 
_refine.pdbx_stereochemistry_target_values       'MAXIMUM LIKELIHOOD' 
_refine.pdbx_stereochem_target_val_spec_case     ? 
_refine.pdbx_R_Free_selection_details            RANDOM 
_refine.pdbx_overall_ESU_R                       0.231 
_refine.pdbx_overall_ESU_R_Free                  0.206 
_refine.overall_SU_ML                            0.157 
_refine.overall_SU_B                             6.726 
_refine.ls_redundancy_reflns_obs                 ? 
_refine.B_iso_min                                ? 
_refine.B_iso_max                                ? 
_refine.overall_SU_R_Cruickshank_DPI             ? 
_refine.overall_SU_R_free                        ? 
_refine.ls_wR_factor_R_free                      ? 
_refine.ls_wR_factor_R_work                      ? 
_refine.overall_FOM_free_R_set                   ? 
_refine.overall_FOM_work_R_set                   ? 
_refine.pdbx_refine_id                           'X-RAY DIFFRACTION' 
_refine.pdbx_overall_phase_error                 ? 
_refine.pdbx_diffrn_id                           1 
_refine.pdbx_TLS_residual_ADP_flag               ? 
_refine.pdbx_overall_SU_R_free_Cruickshank_DPI   ? 
_refine.pdbx_overall_SU_R_Blow_DPI               ? 
_refine.pdbx_overall_SU_R_free_Blow_DPI          ? 
# 
_refine_hist.pdbx_refine_id                   'X-RAY DIFFRACTION' 
_refine_hist.cycle_id                         LAST 
_refine_hist.pdbx_number_atoms_protein        695 
_refine_hist.pdbx_number_atoms_nucleic_acid   0 
_refine_hist.pdbx_number_atoms_ligand         37 
_refine_hist.number_atoms_solvent             20 
_refine_hist.number_atoms_total               752 
_refine_hist.d_res_high                       2.30 
_refine_hist.d_res_low                        20.00 
# 
loop_
_refine_ls_restr.type 
_refine_ls_restr.dev_ideal 
_refine_ls_restr.dev_ideal_target 
_refine_ls_restr.weight 
_refine_ls_restr.number 
_refine_ls_restr.pdbx_refine_id 
_refine_ls_restr.pdbx_restraint_function 
r_bond_refined_d       0.016  0.022  ? 749  'X-RAY DIFFRACTION' ? 
r_bond_other_d         0.002  0.020  ? 512  'X-RAY DIFFRACTION' ? 
r_angle_refined_deg    1.695  2.054  ? 1013 'X-RAY DIFFRACTION' ? 
r_angle_other_deg      0.948  3.004  ? 1230 'X-RAY DIFFRACTION' ? 
r_dihedral_angle_1_deg 7.597  5.000  ? 84   'X-RAY DIFFRACTION' ? 
r_dihedral_angle_2_deg 41.586 22.857 ? 28   'X-RAY DIFFRACTION' ? 
r_dihedral_angle_3_deg 20.756 15.000 ? 138  'X-RAY DIFFRACTION' ? 
r_dihedral_angle_4_deg 28.761 15.000 ? 4    'X-RAY DIFFRACTION' ? 
r_chiral_restr         0.091  0.200  ? 110  'X-RAY DIFFRACTION' ? 
r_gen_planes_refined   0.006  0.021  ? 787  'X-RAY DIFFRACTION' ? 
r_gen_planes_other     0.001  0.020  ? 145  'X-RAY DIFFRACTION' ? 
r_mcbond_it            0.868  1.500  ? 423  'X-RAY DIFFRACTION' ? 
r_mcbond_other         0.129  1.500  ? 170  'X-RAY DIFFRACTION' ? 
r_mcangle_it           1.590  2.000  ? 688  'X-RAY DIFFRACTION' ? 
r_scbond_it            1.896  3.000  ? 326  'X-RAY DIFFRACTION' ? 
r_scangle_it           3.169  4.500  ? 325  'X-RAY DIFFRACTION' ? 
# 
_refine_ls_shell.pdbx_total_number_of_bins_used   20 
_refine_ls_shell.d_res_high                       2.300 
_refine_ls_shell.d_res_low                        2.359 
_refine_ls_shell.number_reflns_R_work             419 
_refine_ls_shell.R_factor_R_work                  0.353 
_refine_ls_shell.percent_reflns_obs               80.29 
_refine_ls_shell.R_factor_R_free                  0.509 
_refine_ls_shell.R_factor_R_free_error            ? 
_refine_ls_shell.percent_reflns_R_free            ? 
_refine_ls_shell.number_reflns_R_free             29 
_refine_ls_shell.number_reflns_all                ? 
_refine_ls_shell.R_factor_all                     ? 
_refine_ls_shell.number_reflns_obs                ? 
_refine_ls_shell.redundancy_reflns_obs            ? 
_refine_ls_shell.pdbx_refine_id                   'X-RAY DIFFRACTION' 
# 
_struct.entry_id                  3LBK 
_struct.title                     'Structure of human MDM2 protein in complex with a small molecule inhibitor' 
_struct.pdbx_model_details        ? 
_struct.pdbx_CASP_flag            ? 
_struct.pdbx_model_type_details   ? 
# 
_struct_keywords.entry_id        3LBK 
_struct_keywords.pdbx_keywords   LIGASE 
_struct_keywords.text            
;MDMX, MDM2, p53, inhibitor, Alternative splicing, Cytoplasm, Ligase, Nucleus, Phosphoprotein, Proto-oncogene, Ubl conjugation, Ubl conjugation pathway, Zinc-finger
;
# 
loop_
_struct_asym.id 
_struct_asym.pdbx_blank_PDB_chainid_flag 
_struct_asym.pdbx_modified 
_struct_asym.entity_id 
_struct_asym.details 
A N N 1 ? 
B N N 2 ? 
C N N 3 ? 
D N N 4 ? 
# 
_struct_biol.id        1 
_struct_biol.details   ? 
# 
loop_
_struct_conf.conf_type_id 
_struct_conf.id 
_struct_conf.pdbx_PDB_helix_id 
_struct_conf.beg_label_comp_id 
_struct_conf.beg_label_asym_id 
_struct_conf.beg_label_seq_id 
_struct_conf.pdbx_beg_PDB_ins_code 
_struct_conf.end_label_comp_id 
_struct_conf.end_label_asym_id 
_struct_conf.end_label_seq_id 
_struct_conf.pdbx_end_PDB_ins_code 
_struct_conf.beg_auth_comp_id 
_struct_conf.beg_auth_asym_id 
_struct_conf.beg_auth_seq_id 
_struct_conf.end_auth_comp_id 
_struct_conf.end_auth_asym_id 
_struct_conf.end_auth_seq_id 
_struct_conf.pdbx_PDB_helix_class 
_struct_conf.details 
_struct_conf.pdbx_PDB_helix_length 
HELX_P HELX_P1 1 LYS A 15 ? VAL A 25 ? LYS A 31 VAL A 41  1 ? 11 
HELX_P HELX_P2 2 THR A 33 ? LYS A 48 ? THR A 49 LYS A 64  1 ? 16 
HELX_P HELX_P3 3 ASP A 64 ? GLY A 71 ? ASP A 80 GLY A 87  1 ? 8  
HELX_P HELX_P4 4 GLU A 79 ? ASN A 90 ? GLU A 95 ASN A 106 1 ? 12 
# 
_struct_conf_type.id          HELX_P 
_struct_conf_type.criteria    ? 
_struct_conf_type.reference   ? 
# 
loop_
_struct_sheet.id 
_struct_sheet.type 
_struct_sheet.number_strands 
_struct_sheet.details 
A ? 2 ? 
B ? 2 ? 
# 
loop_
_struct_sheet_order.sheet_id 
_struct_sheet_order.range_id_1 
_struct_sheet_order.range_id_2 
_struct_sheet_order.offset 
_struct_sheet_order.sense 
A 1 2 ? anti-parallel 
B 1 2 ? anti-parallel 
# 
loop_
_struct_sheet_range.sheet_id 
_struct_sheet_range.id 
_struct_sheet_range.beg_label_comp_id 
_struct_sheet_range.beg_label_asym_id 
_struct_sheet_range.beg_label_seq_id 
_struct_sheet_range.pdbx_beg_PDB_ins_code 
_struct_sheet_range.end_label_comp_id 
_struct_sheet_range.end_label_asym_id 
_struct_sheet_range.end_label_seq_id 
_struct_sheet_range.pdbx_end_PDB_ins_code 
_struct_sheet_range.beg_auth_comp_id 
_struct_sheet_range.beg_auth_asym_id 
_struct_sheet_range.beg_auth_seq_id 
_struct_sheet_range.end_auth_comp_id 
_struct_sheet_range.end_auth_asym_id 
_struct_sheet_range.end_auth_seq_id 
A 1 VAL A 12 ? PRO A 14 ? VAL A 28  PRO A 30  
A 2 LEU A 91 ? VAL A 93 ? LEU A 107 VAL A 109 
B 1 ILE A 58 ? TYR A 60 ? ILE A 74  TYR A 76  
B 2 SER A 74 ? SER A 76 ? SER A 90  SER A 92  
# 
loop_
_pdbx_struct_sheet_hbond.sheet_id 
_pdbx_struct_sheet_hbond.range_id_1 
_pdbx_struct_sheet_hbond.range_id_2 
_pdbx_struct_sheet_hbond.range_1_label_atom_id 
_pdbx_struct_sheet_hbond.range_1_label_comp_id 
_pdbx_struct_sheet_hbond.range_1_label_asym_id 
_pdbx_struct_sheet_hbond.range_1_label_seq_id 
_pdbx_struct_sheet_hbond.range_1_PDB_ins_code 
_pdbx_struct_sheet_hbond.range_1_auth_atom_id 
_pdbx_struct_sheet_hbond.range_1_auth_comp_id 
_pdbx_struct_sheet_hbond.range_1_auth_asym_id 
_pdbx_struct_sheet_hbond.range_1_auth_seq_id 
_pdbx_struct_sheet_hbond.range_2_label_atom_id 
_pdbx_struct_sheet_hbond.range_2_label_comp_id 
_pdbx_struct_sheet_hbond.range_2_label_asym_id 
_pdbx_struct_sheet_hbond.range_2_label_seq_id 
_pdbx_struct_sheet_hbond.range_2_PDB_ins_code 
_pdbx_struct_sheet_hbond.range_2_auth_atom_id 
_pdbx_struct_sheet_hbond.range_2_auth_comp_id 
_pdbx_struct_sheet_hbond.range_2_auth_asym_id 
_pdbx_struct_sheet_hbond.range_2_auth_seq_id 
A 1 2 N ARG A 13 ? N ARG A 29 O VAL A 92 ? O VAL A 108 
B 1 2 N VAL A 59 ? N VAL A 75 O PHE A 75 ? O PHE A 91  
# 
loop_
_struct_site.id 
_struct_site.pdbx_evidence_code 
_struct_site.pdbx_auth_asym_id 
_struct_site.pdbx_auth_comp_id 
_struct_site.pdbx_auth_seq_id 
_struct_site.pdbx_auth_ins_code 
_struct_site.pdbx_num_residues 
_struct_site.details 
AC1 Software A K23 1   ? 11 'BINDING SITE FOR RESIDUE K23 A 1'   
AC2 Software A SO4 112 ? 4  'BINDING SITE FOR RESIDUE SO4 A 112' 
# 
loop_
_struct_site_gen.id 
_struct_site_gen.site_id 
_struct_site_gen.pdbx_num_res 
_struct_site_gen.label_comp_id 
_struct_site_gen.label_asym_id 
_struct_site_gen.label_seq_id 
_struct_site_gen.pdbx_auth_ins_code 
_struct_site_gen.auth_comp_id 
_struct_site_gen.auth_asym_id 
_struct_site_gen.auth_seq_id 
_struct_site_gen.label_atom_id 
_struct_site_gen.label_alt_id 
_struct_site_gen.symmetry 
_struct_site_gen.details 
1  AC1 11 HOH D .  ? HOH A 4   . ? 1_555 ? 
2  AC1 11 HOH D .  ? HOH A 13  . ? 5_655 ? 
3  AC1 11 LEU A 38 ? LEU A 54  . ? 1_555 ? 
4  AC1 11 PHE A 39 ? PHE A 55  . ? 1_555 ? 
5  AC1 11 GLY A 42 ? GLY A 58  . ? 1_555 ? 
6  AC1 11 ILE A 45 ? ILE A 61  . ? 1_555 ? 
7  AC1 11 MET A 46 ? MET A 62  . ? 1_555 ? 
8  AC1 11 VAL A 77 ? VAL A 93  . ? 1_555 ? 
9  AC1 11 HIS A 80 ? HIS A 96  . ? 1_555 ? 
10 AC1 11 ILE A 83 ? ILE A 99  . ? 1_555 ? 
11 AC1 11 TYR A 84 ? TYR A 100 . ? 1_555 ? 
12 AC2 4  LYS A 78 ? LYS A 94  . ? 1_555 ? 
13 AC2 4  GLU A 79 ? GLU A 95  . ? 1_555 ? 
14 AC2 4  HIS A 80 ? HIS A 96  . ? 1_555 ? 
15 AC2 4  ARG A 81 ? ARG A 97  . ? 1_555 ? 
# 
_atom_sites.entry_id                    3LBK 
_atom_sites.fract_transf_matrix[1][1]   0.01636909 
_atom_sites.fract_transf_matrix[1][2]   -0.00151982 
_atom_sites.fract_transf_matrix[1][3]   -0.00182066 
_atom_sites.fract_transf_matrix[2][1]   -0.00136318 
_atom_sites.fract_transf_matrix[2][2]   -0.01641978 
_atom_sites.fract_transf_matrix[2][3]   0.00145060 
_atom_sites.fract_transf_matrix[3][1]   -0.00244197 
_atom_sites.fract_transf_matrix[3][2]   -0.00161759 
_atom_sites.fract_transf_matrix[3][3]   -0.02060484 
_atom_sites.fract_transf_vector[1]      0.307440 
_atom_sites.fract_transf_vector[2]      0.170990 
_atom_sites.fract_transf_vector[3]      0.094299 
# 
loop_
_atom_type.symbol 
C  
CL 
N  
O  
S  
# 
loop_
_atom_site.group_PDB 
_atom_site.id 
_atom_site.type_symbol 
_atom_site.label_atom_id 
_atom_site.label_alt_id 
_atom_site.label_comp_id 
_atom_site.label_asym_id 
_atom_site.label_entity_id 
_atom_site.label_seq_id 
_atom_site.pdbx_PDB_ins_code 
_atom_site.Cartn_x 
_atom_site.Cartn_y 
_atom_site.Cartn_z 
_atom_site.occupancy 
_atom_site.B_iso_or_equiv 
_atom_site.pdbx_formal_charge 
_atom_site.auth_seq_id 
_atom_site.auth_comp_id 
_atom_site.auth_asym_id 
_atom_site.auth_atom_id 
_atom_site.pdbx_PDB_model_num 
ATOM   1   N  N    . THR A 1 10 ? 10.336  4.992   14.833  1.00 55.36 ? 26   THR A N    1 
ATOM   2   C  CA   . THR A 1 10 ? 10.066  4.373   13.501  1.00 55.09 ? 26   THR A CA   1 
ATOM   3   C  C    . THR A 1 10 ? 8.786   4.966   12.870  1.00 54.26 ? 26   THR A C    1 
ATOM   4   O  O    . THR A 1 10 ? 7.700   4.382   12.983  1.00 54.16 ? 26   THR A O    1 
ATOM   5   C  CB   . THR A 1 10 ? 9.959   2.815   13.619  1.00 55.64 ? 26   THR A CB   1 
ATOM   6   O  OG1  . THR A 1 10 ? 10.224  2.390   14.974  1.00 56.01 ? 26   THR A OG1  1 
ATOM   7   C  CG2  . THR A 1 10 ? 10.943  2.135   12.674  1.00 55.58 ? 26   THR A CG2  1 
ATOM   8   N  N    . LEU A 1 11 ? 8.943   6.106   12.190  1.00 52.89 ? 27   LEU A N    1 
ATOM   9   C  CA   . LEU A 1 11 ? 7.825   6.885   11.664  1.00 52.03 ? 27   LEU A CA   1 
ATOM   10  C  C    . LEU A 1 11 ? 8.029   7.384   10.232  1.00 50.72 ? 27   LEU A C    1 
ATOM   11  O  O    . LEU A 1 11 ? 9.145   7.648   9.798   1.00 50.52 ? 27   LEU A O    1 
ATOM   12  C  CB   . LEU A 1 11 ? 7.602   8.117   12.535  1.00 52.38 ? 27   LEU A CB   1 
ATOM   13  C  CG   . LEU A 1 11 ? 6.937   7.968   13.896  1.00 53.08 ? 27   LEU A CG   1 
ATOM   14  C  CD1  . LEU A 1 11 ? 7.445   9.111   14.792  1.00 51.46 ? 27   LEU A CD1  1 
ATOM   15  C  CD2  . LEU A 1 11 ? 5.402   7.977   13.753  1.00 51.95 ? 27   LEU A CD2  1 
ATOM   16  N  N    . VAL A 1 12 ? 6.923   7.574   9.523   1.00 49.38 ? 28   VAL A N    1 
ATOM   17  C  CA   . VAL A 1 12 ? 6.964   8.012   8.142   1.00 48.20 ? 28   VAL A CA   1 
ATOM   18  C  C    . VAL A 1 12 ? 5.829   8.981   7.862   1.00 47.85 ? 28   VAL A C    1 
ATOM   19  O  O    . VAL A 1 12 ? 4.806   8.996   8.550   1.00 47.26 ? 28   VAL A O    1 
ATOM   20  C  CB   . VAL A 1 12 ? 6.832   6.799   7.177   1.00 48.44 ? 28   VAL A CB   1 
ATOM   21  C  CG1  . VAL A 1 12 ? 7.908   5.762   7.448   1.00 46.64 ? 28   VAL A CG1  1 
ATOM   22  C  CG2  . VAL A 1 12 ? 5.493   6.169   7.315   1.00 47.22 ? 28   VAL A CG2  1 
ATOM   23  N  N    . ARG A 1 13 ? 6.023   9.791   6.836   1.00 47.78 ? 29   ARG A N    1 
ATOM   24  C  CA   . ARG A 1 13 ? 4.987   10.642  6.294   1.00 47.56 ? 29   ARG A CA   1 
ATOM   25  C  C    . ARG A 1 13 ? 4.753   10.181  4.856   1.00 47.02 ? 29   ARG A C    1 
ATOM   26  O  O    . ARG A 1 13 ? 5.640   10.278  3.991   1.00 46.08 ? 29   ARG A O    1 
ATOM   27  C  CB   . ARG A 1 13 ? 5.483   12.057  6.322   1.00 48.15 ? 29   ARG A CB   1 
ATOM   28  C  CG   . ARG A 1 13 ? 4.495   13.198  5.927   1.00 50.76 ? 29   ARG A CG   1 
ATOM   29  C  CD   . ARG A 1 13 ? 5.110   14.571  6.372   1.00 55.03 ? 29   ARG A CD   1 
ATOM   30  N  NE   . ARG A 1 13 ? 6.503   14.369  6.832   1.00 58.93 ? 29   ARG A NE   1 
ATOM   31  C  CZ   . ARG A 1 13 ? 6.856   13.958  8.060   1.00 61.51 ? 29   ARG A CZ   1 
ATOM   32  N  NH1  . ARG A 1 13 ? 5.933   13.759  8.992   1.00 62.54 ? 29   ARG A NH1  1 
ATOM   33  N  NH2  . ARG A 1 13 ? 8.135   13.749  8.371   1.00 63.14 ? 29   ARG A NH2  1 
ATOM   34  N  N    . PRO A 1 14 ? 3.573   9.634   4.599   1.00 46.43 ? 30   PRO A N    1 
ATOM   35  C  CA   . PRO A 1 14 ? 3.286   9.258   3.221   1.00 46.50 ? 30   PRO A CA   1 
ATOM   36  C  C    . PRO A 1 14 ? 3.342   10.452  2.330   1.00 46.16 ? 30   PRO A C    1 
ATOM   37  O  O    . PRO A 1 14 ? 2.920   11.511  2.738   1.00 46.50 ? 30   PRO A O    1 
ATOM   38  C  CB   . PRO A 1 14 ? 1.850   8.751   3.278   1.00 46.44 ? 30   PRO A CB   1 
ATOM   39  C  CG   . PRO A 1 14 ? 1.335   9.177   4.612   1.00 46.95 ? 30   PRO A CG   1 
ATOM   40  C  CD   . PRO A 1 14 ? 2.509   9.210   5.513   1.00 46.16 ? 30   PRO A CD   1 
ATOM   41  N  N    . LYS A 1 15 ? 3.876   10.289  1.132   1.00 45.75 ? 31   LYS A N    1 
ATOM   42  C  CA   . LYS A 1 15 ? 3.742   11.318  0.138   1.00 45.74 ? 31   LYS A CA   1 
ATOM   43  C  C    . LYS A 1 15 ? 2.289   11.453  -0.312  1.00 45.72 ? 31   LYS A C    1 
ATOM   44  O  O    . LYS A 1 15 ? 1.497   10.514  -0.193  1.00 45.39 ? 31   LYS A O    1 
ATOM   45  C  CB   . LYS A 1 15 ? 4.686   11.077  -1.014  1.00 45.68 ? 31   LYS A CB   1 
ATOM   46  C  CG   . LYS A 1 15 ? 6.078   11.395  -0.627  1.00 46.09 ? 31   LYS A CG   1 
ATOM   47  C  CD   . LYS A 1 15 ? 7.012   11.355  -1.792  1.00 47.59 ? 31   LYS A CD   1 
ATOM   48  C  CE   . LYS A 1 15 ? 7.369   9.963   -2.201  1.00 46.56 ? 31   LYS A CE   1 
ATOM   49  N  NZ   . LYS A 1 15 ? 8.763   9.955   -2.824  1.00 47.67 ? 31   LYS A NZ   1 
ATOM   50  N  N    . PRO A 1 16 ? 1.925   12.643  -0.799  1.00 45.87 ? 32   PRO A N    1 
ATOM   51  C  CA   . PRO A 1 16 ? 0.505   12.968  -0.838  1.00 45.86 ? 32   PRO A CA   1 
ATOM   52  C  C    . PRO A 1 16 ? -0.380  11.892  -1.446  1.00 45.87 ? 32   PRO A C    1 
ATOM   53  O  O    . PRO A 1 16 ? -1.478  11.666  -0.946  1.00 45.34 ? 32   PRO A O    1 
ATOM   54  C  CB   . PRO A 1 16 ? 0.470   14.277  -1.638  1.00 45.97 ? 32   PRO A CB   1 
ATOM   55  C  CG   . PRO A 1 16 ? 1.816   14.928  -1.345  1.00 45.30 ? 32   PRO A CG   1 
ATOM   56  C  CD   . PRO A 1 16 ? 2.768   13.771  -1.267  1.00 46.14 ? 32   PRO A CD   1 
ATOM   57  N  N    . GLU A 1 17 ? 0.089   11.215  -2.490  1.00 46.39 ? 33   GLU A N    1 
ATOM   58  C  CA   . GLU A 1 17 ? -0.782  10.292  -3.214  1.00 47.39 ? 33   GLU A CA   1 
ATOM   59  C  C    . GLU A 1 17 ? -1.109  9.032   -2.439  1.00 47.21 ? 33   GLU A C    1 
ATOM   60  O  O    . GLU A 1 17 ? -2.241  8.570   -2.431  1.00 47.38 ? 33   GLU A O    1 
ATOM   61  C  CB   . GLU A 1 17 ? -0.219  9.969   -4.608  1.00 47.98 ? 33   GLU A CB   1 
ATOM   62  C  CG   . GLU A 1 17 ? -0.555  11.043  -5.632  1.00 50.61 ? 33   GLU A CG   1 
ATOM   63  C  CD   . GLU A 1 17 ? -2.023  11.491  -5.525  1.00 54.77 ? 33   GLU A CD   1 
ATOM   64  O  OE1  . GLU A 1 17 ? -2.855  10.710  -5.009  1.00 57.53 ? 33   GLU A OE1  1 
ATOM   65  O  OE2  . GLU A 1 17 ? -2.363  12.623  -5.938  1.00 59.13 ? 33   GLU A OE2  1 
ATOM   66  N  N    . LEU A 1 18 ? -0.111  8.492   -1.770  1.00 47.54 ? 34   LEU A N    1 
ATOM   67  C  CA   . LEU A 1 18 ? -0.331  7.410   -0.828  1.00 47.63 ? 34   LEU A CA   1 
ATOM   68  C  C    . LEU A 1 18 ? -1.126  7.896   0.375   1.00 47.97 ? 34   LEU A C    1 
ATOM   69  O  O    . LEU A 1 18 ? -1.986  7.168   0.843   1.00 48.72 ? 34   LEU A O    1 
ATOM   70  C  CB   . LEU A 1 18 ? 0.984   6.836   -0.370  1.00 47.53 ? 34   LEU A CB   1 
ATOM   71  C  CG   . LEU A 1 18 ? 0.877   5.851   0.772   1.00 48.66 ? 34   LEU A CG   1 
ATOM   72  C  CD1  . LEU A 1 18 ? 0.173   4.651   0.192   1.00 48.68 ? 34   LEU A CD1  1 
ATOM   73  C  CD2  . LEU A 1 18 ? 2.268   5.524   1.394   1.00 47.66 ? 34   LEU A CD2  1 
ATOM   74  N  N    . LEU A 1 19 ? -0.866  9.104   0.885   1.00 47.94 ? 35   LEU A N    1 
ATOM   75  C  CA   . LEU A 1 19 ? -1.691  9.640   1.975   1.00 48.02 ? 35   LEU A CA   1 
ATOM   76  C  C    . LEU A 1 19 ? -3.177  9.680   1.595   1.00 48.12 ? 35   LEU A C    1 
ATOM   77  O  O    . LEU A 1 19 ? -4.057  9.313   2.423   1.00 48.29 ? 35   LEU A O    1 
ATOM   78  C  CB   . LEU A 1 19 ? -1.225  11.023  2.442   1.00 48.56 ? 35   LEU A CB   1 
ATOM   79  C  CG   . LEU A 1 19 ? -1.965  11.627  3.665   1.00 49.56 ? 35   LEU A CG   1 
ATOM   80  C  CD1  . LEU A 1 19 ? -1.887  10.774  4.913   1.00 49.72 ? 35   LEU A CD1  1 
ATOM   81  C  CD2  . LEU A 1 19 ? -1.393  12.977  3.954   1.00 51.83 ? 35   LEU A CD2  1 
ATOM   82  N  N    . LYS A 1 20 ? -3.470  10.094  0.365   1.00 47.58 ? 36   LYS A N    1 
ATOM   83  C  CA   . LYS A 1 20 ? -4.856  10.090  -0.101  1.00 47.94 ? 36   LYS A CA   1 
ATOM   84  C  C    . LYS A 1 20 ? -5.387  8.668   -0.118  1.00 47.19 ? 36   LYS A C    1 
ATOM   85  O  O    . LYS A 1 20 ? -6.480  8.399   0.393   1.00 46.74 ? 36   LYS A O    1 
ATOM   86  C  CB   . LYS A 1 20 ? -5.029  10.771  -1.468  1.00 48.05 ? 36   LYS A CB   1 
ATOM   87  C  CG   . LYS A 1 20 ? -4.481  12.246  -1.503  1.00 50.52 ? 36   LYS A CG   1 
ATOM   88  C  CD   . LYS A 1 20 ? -5.412  13.257  -2.248  1.00 52.44 ? 36   LYS A CD   1 
ATOM   89  C  CE   . LYS A 1 20 ? -4.784  14.668  -2.433  1.00 54.49 ? 36   LYS A CE   1 
ATOM   90  N  NZ   . LYS A 1 20 ? -3.744  14.804  -3.550  1.00 56.49 ? 36   LYS A NZ   1 
ATOM   91  N  N    . LEU A 1 21 ? -4.600  7.752   -0.663  1.00 46.93 ? 37   LEU A N    1 
ATOM   92  C  CA   . LEU A 1 21 ? -4.981  6.335   -0.644  1.00 47.07 ? 37   LEU A CA   1 
ATOM   93  C  C    . LEU A 1 21 ? -5.146  5.805   0.787   1.00 47.49 ? 37   LEU A C    1 
ATOM   94  O  O    . LEU A 1 21 ? -6.113  5.097   1.056   1.00 48.39 ? 37   LEU A O    1 
ATOM   95  C  CB   . LEU A 1 21 ? -4.003  5.491   -1.480  1.00 46.86 ? 37   LEU A CB   1 
ATOM   96  C  CG   . LEU A 1 21 ? -3.582  4.052   -1.147  1.00 46.16 ? 37   LEU A CG   1 
ATOM   97  C  CD1  . LEU A 1 21 ? -4.634  3.299   -0.412  1.00 44.08 ? 37   LEU A CD1  1 
ATOM   98  C  CD2  . LEU A 1 21 ? -3.177  3.303   -2.435  1.00 43.90 ? 37   LEU A CD2  1 
ATOM   99  N  N    . LEU A 1 22 ? -4.236  6.141   1.705   1.00 47.43 ? 38   LEU A N    1 
ATOM   100 C  CA   . LEU A 1 22 ? -4.368  5.700   3.092   1.00 48.28 ? 38   LEU A CA   1 
ATOM   101 C  C    . LEU A 1 22 ? -5.637  6.279   3.776   1.00 49.21 ? 38   LEU A C    1 
ATOM   102 O  O    . LEU A 1 22 ? -6.295  5.602   4.573   1.00 48.97 ? 38   LEU A O    1 
ATOM   103 C  CB   . LEU A 1 22 ? -3.128  6.096   3.912   1.00 48.48 ? 38   LEU A CB   1 
ATOM   104 C  CG   . LEU A 1 22 ? -1.737  5.478   3.639   1.00 47.58 ? 38   LEU A CG   1 
ATOM   105 C  CD1  . LEU A 1 22 ? -0.788  5.742   4.795   1.00 44.39 ? 38   LEU A CD1  1 
ATOM   106 C  CD2  . LEU A 1 22 ? -1.818  3.993   3.331   1.00 46.71 ? 38   LEU A CD2  1 
ATOM   107 N  N    . LYS A 1 23 ? -5.964  7.535   3.469   1.00 50.29 ? 39   LYS A N    1 
ATOM   108 C  CA   . LYS A 1 23 ? -7.176  8.157   3.999   1.00 51.14 ? 39   LYS A CA   1 
ATOM   109 C  C    . LYS A 1 23 ? -8.415  7.558   3.412   1.00 51.28 ? 39   LYS A C    1 
ATOM   110 O  O    . LYS A 1 23 ? -9.415  7.522   4.100   1.00 51.91 ? 39   LYS A O    1 
ATOM   111 C  CB   . LYS A 1 23 ? -7.230  9.658   3.753   1.00 51.23 ? 39   LYS A CB   1 
ATOM   112 C  CG   . LYS A 1 23 ? -6.313  10.467  4.620   1.00 52.68 ? 39   LYS A CG   1 
ATOM   113 C  CD   . LYS A 1 23 ? -6.206  11.873  4.045   1.00 54.14 ? 39   LYS A CD   1 
ATOM   114 C  CE   . LYS A 1 23 ? -5.306  12.786  4.866   1.00 55.09 ? 39   LYS A CE   1 
ATOM   115 N  NZ   . LYS A 1 23 ? -4.970  14.053  4.101   1.00 56.34 ? 39   LYS A NZ   1 
ATOM   116 N  N    . SER A 1 24 ? -8.377  7.105   2.160   1.00 51.85 ? 40   SER A N    1 
ATOM   117 C  CA   . SER A 1 24 ? -9.574  6.481   1.562   1.00 52.42 ? 40   SER A CA   1 
ATOM   118 C  C    . SER A 1 24 ? -9.980  5.199   2.321   1.00 53.16 ? 40   SER A C    1 
ATOM   119 O  O    . SER A 1 24 ? -11.134 4.813   2.307   1.00 53.04 ? 40   SER A O    1 
ATOM   120 C  CB   . SER A 1 24 ? -9.411  6.218   0.049   1.00 52.30 ? 40   SER A CB   1 
ATOM   121 O  OG   . SER A 1 24 ? -8.213  5.521   -0.258  1.00 51.33 ? 40   SER A OG   1 
ATOM   122 N  N    . VAL A 1 25 ? -9.026  4.564   2.994   1.00 54.30 ? 41   VAL A N    1 
ATOM   123 C  CA   . VAL A 1 25 ? -9.322  3.458   3.924   1.00 55.28 ? 41   VAL A CA   1 
ATOM   124 C  C    . VAL A 1 25 ? -9.454  3.930   5.393   1.00 56.21 ? 41   VAL A C    1 
ATOM   125 O  O    . VAL A 1 25 ? -9.307  3.145   6.338   1.00 56.42 ? 41   VAL A O    1 
ATOM   126 C  CB   . VAL A 1 25 ? -8.288  2.278   3.790   1.00 55.16 ? 41   VAL A CB   1 
ATOM   127 C  CG1  . VAL A 1 25 ? -8.657  1.403   2.612   1.00 55.95 ? 41   VAL A CG1  1 
ATOM   128 C  CG2  . VAL A 1 25 ? -6.864  2.778   3.639   1.00 54.62 ? 41   VAL A CG2  1 
ATOM   129 N  N    . GLY A 1 26 ? -9.737  5.215   5.574   1.00 57.22 ? 42   GLY A N    1 
ATOM   130 C  CA   . GLY A 1 26 ? -10.027 5.769   6.888   1.00 58.01 ? 42   GLY A CA   1 
ATOM   131 C  C    . GLY A 1 26 ? -8.846  5.943   7.831   1.00 58.71 ? 42   GLY A C    1 
ATOM   132 O  O    . GLY A 1 26 ? -8.982  5.756   9.036   1.00 58.88 ? 42   GLY A O    1 
ATOM   133 N  N    . ALA A 1 27 ? -7.689  6.309   7.300   1.00 59.31 ? 43   ALA A N    1 
ATOM   134 C  CA   . ALA A 1 27 ? -6.595  6.739   8.150   1.00 59.60 ? 43   ALA A CA   1 
ATOM   135 C  C    . ALA A 1 27 ? -6.888  8.186   8.540   1.00 59.91 ? 43   ALA A C    1 
ATOM   136 O  O    . ALA A 1 27 ? -7.345  8.988   7.702   1.00 59.70 ? 43   ALA A O    1 
ATOM   137 C  CB   . ALA A 1 27 ? -5.251  6.630   7.420   1.00 59.72 ? 43   ALA A CB   1 
ATOM   138 N  N    . GLN A 1 28 ? -6.611  8.508   9.807   1.00 60.01 ? 44   GLN A N    1 
ATOM   139 C  CA   . GLN A 1 28 ? -6.873  9.831   10.370  1.00 59.98 ? 44   GLN A CA   1 
ATOM   140 C  C    . GLN A 1 28 ? -5.644  10.698  10.512  1.00 60.18 ? 44   GLN A C    1 
ATOM   141 O  O    . GLN A 1 28 ? -5.786  11.903  10.665  1.00 60.90 ? 44   GLN A O    1 
ATOM   142 C  CB   . GLN A 1 28 ? -7.513  9.694   11.744  1.00 60.24 ? 44   GLN A CB   1 
ATOM   143 N  N    . LYS A 1 29 ? -4.444  10.113  10.457  1.00 60.02 ? 45   LYS A N    1 
ATOM   144 C  CA   . LYS A 1 29 ? -3.194  10.864  10.706  1.00 59.46 ? 45   LYS A CA   1 
ATOM   145 C  C    . LYS A 1 29 ? -2.568  11.427  9.418   1.00 59.01 ? 45   LYS A C    1 
ATOM   146 O  O    . LYS A 1 29 ? -3.192  11.373  8.344   1.00 59.83 ? 45   LYS A O    1 
ATOM   147 C  CB   . LYS A 1 29 ? -2.183  9.973   11.439  1.00 59.52 ? 45   LYS A CB   1 
ATOM   148 C  CG   . LYS A 1 29 ? -2.723  9.272   12.695  1.00 59.95 ? 45   LYS A CG   1 
ATOM   149 C  CD   . LYS A 1 29 ? -1.774  8.220   13.244  1.00 60.23 ? 45   LYS A CD   1 
ATOM   150 C  CE   . LYS A 1 29 ? -0.458  8.816   13.719  1.00 60.77 ? 45   LYS A CE   1 
ATOM   151 N  NZ   . LYS A 1 29 ? 0.639   7.808   13.665  1.00 61.53 ? 45   LYS A NZ   1 
ATOM   152 N  N    . ASP A 1 30 ? -1.376  12.026  9.556   1.00 57.76 ? 46   ASP A N    1 
ATOM   153 C  CA   . ASP A 1 30 ? -0.483  12.379  8.447   1.00 56.85 ? 46   ASP A CA   1 
ATOM   154 C  C    . ASP A 1 30 ? 0.945   11.922  8.737   1.00 55.90 ? 46   ASP A C    1 
ATOM   155 O  O    . ASP A 1 30 ? 1.868   12.287  8.019   1.00 56.28 ? 46   ASP A O    1 
ATOM   156 C  CB   . ASP A 1 30 ? -0.465  13.894  8.179   1.00 57.09 ? 46   ASP A CB   1 
ATOM   157 C  CG   . ASP A 1 30 ? -1.647  14.363  7.328   1.00 58.56 ? 46   ASP A CG   1 
ATOM   158 O  OD1  . ASP A 1 30 ? -2.810  14.022  7.666   1.00 59.79 ? 46   ASP A OD1  1 
ATOM   159 O  OD2  . ASP A 1 30 ? -1.421  15.095  6.328   1.00 59.13 ? 46   ASP A OD2  1 
ATOM   160 N  N    . THR A 1 31 ? 1.157   11.150  9.798   1.00 54.59 ? 47   THR A N    1 
ATOM   161 C  CA   . THR A 1 31 ? 2.454   10.529  9.993   1.00 53.44 ? 47   THR A CA   1 
ATOM   162 C  C    . THR A 1 31 ? 2.326   9.252   10.809  1.00 52.03 ? 47   THR A C    1 
ATOM   163 O  O    . THR A 1 31 ? 1.845   9.254   11.948  1.00 51.60 ? 47   THR A O    1 
ATOM   164 C  CB   . THR A 1 31 ? 3.437   11.462  10.659  1.00 53.44 ? 47   THR A CB   1 
ATOM   165 O  OG1  . THR A 1 31 ? 3.149   11.495  12.057  1.00 54.96 ? 47   THR A OG1  1 
ATOM   166 C  CG2  . THR A 1 31 ? 3.338   12.865  10.051  1.00 52.61 ? 47   THR A CG2  1 
ATOM   167 N  N    . TYR A 1 32 ? 2.805   8.173   10.212  1.00 49.93 ? 48   TYR A N    1 
ATOM   168 C  CA   . TYR A 1 32 ? 2.466   6.872   10.669  1.00 48.51 ? 48   TYR A CA   1 
ATOM   169 C  C    . TYR A 1 32 ? 3.734   6.123   10.976  1.00 47.42 ? 48   TYR A C    1 
ATOM   170 O  O    . TYR A 1 32 ? 4.824   6.552   10.642  1.00 47.52 ? 48   TYR A O    1 
ATOM   171 C  CB   . TYR A 1 32 ? 1.664   6.145   9.592   1.00 48.53 ? 48   TYR A CB   1 
ATOM   172 C  CG   . TYR A 1 32 ? 0.436   6.890   9.069   1.00 48.67 ? 48   TYR A CG   1 
ATOM   173 C  CD1  . TYR A 1 32 ? 0.556   8.070   8.334   1.00 49.71 ? 48   TYR A CD1  1 
ATOM   174 C  CD2  . TYR A 1 32 ? -0.837  6.388   9.272   1.00 49.13 ? 48   TYR A CD2  1 
ATOM   175 C  CE1  . TYR A 1 32 ? -0.565  8.740   7.848   1.00 49.80 ? 48   TYR A CE1  1 
ATOM   176 C  CE2  . TYR A 1 32 ? -1.954  7.037   8.788   1.00 51.10 ? 48   TYR A CE2  1 
ATOM   177 C  CZ   . TYR A 1 32 ? -1.822  8.214   8.074   1.00 51.61 ? 48   TYR A CZ   1 
ATOM   178 O  OH   . TYR A 1 32 ? -2.968  8.848   7.593   1.00 53.94 ? 48   TYR A OH   1 
ATOM   179 N  N    . THR A 1 33 ? 3.566   5.035   11.694  1.00 46.08 ? 49   THR A N    1 
ATOM   180 C  CA   . THR A 1 33 ? 4.474   3.947   11.660  1.00 45.39 ? 49   THR A CA   1 
ATOM   181 C  C    . THR A 1 33 ? 4.229   3.177   10.357  1.00 45.52 ? 49   THR A C    1 
ATOM   182 O  O    . THR A 1 33 ? 3.159   3.282   9.776   1.00 45.17 ? 49   THR A O    1 
ATOM   183 C  CB   . THR A 1 33 ? 4.174   3.031   12.851  1.00 45.63 ? 49   THR A CB   1 
ATOM   184 O  OG1  . THR A 1 33 ? 2.748   2.980   13.102  1.00 43.20 ? 49   THR A OG1  1 
ATOM   185 C  CG2  . THR A 1 33 ? 4.918   3.508   14.100  1.00 44.74 ? 49   THR A CG2  1 
ATOM   186 N  N    . MET A 1 34 ? 5.212   2.406   9.907   1.00 45.89 ? 50   MET A N    1 
ATOM   187 C  CA   . MET A 1 34 ? 5.045   1.504   8.758   1.00 46.48 ? 50   MET A CA   1 
ATOM   188 C  C    . MET A 1 34 ? 3.883   0.565   8.976   1.00 46.85 ? 50   MET A C    1 
ATOM   189 O  O    . MET A 1 34 ? 3.035   0.380   8.100   1.00 46.48 ? 50   MET A O    1 
ATOM   190 C  CB   . MET A 1 34 ? 6.283   0.636   8.568   1.00 46.49 ? 50   MET A CB   1 
ATOM   191 C  CG   . MET A 1 34 ? 7.304   1.245   7.670   1.00 48.79 ? 50   MET A CG   1 
ATOM   192 S  SD   . MET A 1 34 ? 6.711   1.331   5.969   1.00 51.35 ? 50   MET A SD   1 
ATOM   193 C  CE   . MET A 1 34 ? 6.859   -0.370  5.442   1.00 49.44 ? 50   MET A CE   1 
ATOM   194 N  N    . LYS A 1 35 ? 3.891   -0.035  10.169  1.00 47.31 ? 51   LYS A N    1 
ATOM   195 C  CA   . LYS A 1 35 ? 2.853   -0.946  10.645  1.00 47.17 ? 51   LYS A CA   1 
ATOM   196 C  C    . LYS A 1 35 ? 1.502   -0.377  10.284  1.00 45.81 ? 51   LYS A C    1 
ATOM   197 O  O    . LYS A 1 35 ? 0.703   -1.050  9.664   1.00 46.35 ? 51   LYS A O    1 
ATOM   198 C  CB   . LYS A 1 35 ? 2.931   -1.169  12.177  1.00 47.26 ? 51   LYS A CB   1 
ATOM   199 C  CG   . LYS A 1 35 ? 4.375   -1.379  12.781  1.00 50.44 ? 51   LYS A CG   1 
ATOM   200 C  CD   . LYS A 1 35 ? 4.971   -0.053  13.298  1.00 50.58 ? 51   LYS A CD   1 
ATOM   201 C  CE   . LYS A 1 35 ? 6.481   0.051   13.185  1.00 51.39 ? 51   LYS A CE   1 
ATOM   202 N  NZ   . LYS A 1 35 ? 6.926   1.499   13.130  1.00 51.48 ? 51   LYS A NZ   1 
ATOM   203 N  N    . GLU A 1 36 ? 1.264   0.862   10.680  1.00 44.32 ? 52   GLU A N    1 
ATOM   204 C  CA   . GLU A 1 36 ? 0.031   1.550   10.332  1.00 44.22 ? 52   GLU A CA   1 
ATOM   205 C  C    . GLU A 1 36 ? -0.124  1.764   8.823   1.00 42.29 ? 52   GLU A C    1 
ATOM   206 O  O    . GLU A 1 36 ? -1.220  1.784   8.328   1.00 40.83 ? 52   GLU A O    1 
ATOM   207 C  CB   . GLU A 1 36 ? -0.033  2.929   10.996  1.00 44.71 ? 52   GLU A CB   1 
ATOM   208 C  CG   . GLU A 1 36 ? -0.541  2.991   12.429  1.00 45.85 ? 52   GLU A CG   1 
ATOM   209 C  CD   . GLU A 1 36 ? -0.198  4.328   13.039  1.00 48.34 ? 52   GLU A CD   1 
ATOM   210 O  OE1  . GLU A 1 36 ? 1.009   4.518   13.307  1.00 51.21 ? 52   GLU A OE1  1 
ATOM   211 O  OE2  . GLU A 1 36 ? -1.102  5.191   13.198  1.00 47.01 ? 52   GLU A OE2  1 
ATOM   212 N  N    . VAL A 1 37 ? 0.987   1.982   8.133   1.00 40.81 ? 53   VAL A N    1 
ATOM   213 C  CA   . VAL A 1 37 ? 0.971   2.138   6.708   1.00 39.98 ? 53   VAL A CA   1 
ATOM   214 C  C    . VAL A 1 37 ? 0.578   0.808   6.098   1.00 39.07 ? 53   VAL A C    1 
ATOM   215 O  O    . VAL A 1 37 ? -0.405  0.729   5.366   1.00 38.91 ? 53   VAL A O    1 
ATOM   216 C  CB   . VAL A 1 37 ? 2.321   2.656   6.177   1.00 40.51 ? 53   VAL A CB   1 
ATOM   217 C  CG1  . VAL A 1 37 ? 2.489   2.345   4.659   1.00 40.59 ? 53   VAL A CG1  1 
ATOM   218 C  CG2  . VAL A 1 37 ? 2.424   4.159   6.467   1.00 38.20 ? 53   VAL A CG2  1 
ATOM   219 N  N    . LEU A 1 38 ? 1.296   -0.242  6.458   1.00 37.76 ? 54   LEU A N    1 
ATOM   220 C  CA   . LEU A 1 38 ? 1.025   -1.567  5.908   1.00 36.99 ? 54   LEU A CA   1 
ATOM   221 C  C    . LEU A 1 38 ? -0.381  -1.988  6.196   1.00 36.84 ? 54   LEU A C    1 
ATOM   222 O  O    . LEU A 1 38 ? -1.039  -2.553  5.320   1.00 37.09 ? 54   LEU A O    1 
ATOM   223 C  CB   . LEU A 1 38 ? 1.982   -2.611  6.449   1.00 36.53 ? 54   LEU A CB   1 
ATOM   224 C  CG   . LEU A 1 38 ? 3.381   -2.612  5.874   1.00 35.30 ? 54   LEU A CG   1 
ATOM   225 C  CD1  . LEU A 1 38 ? 4.377   -3.237  6.866   1.00 35.71 ? 54   LEU A CD1  1 
ATOM   226 C  CD2  . LEU A 1 38 ? 3.373   -3.372  4.598   1.00 35.84 ? 54   LEU A CD2  1 
ATOM   227 N  N    . PHE A 1 39 ? -0.853  -1.715  7.410   1.00 36.54 ? 55   PHE A N    1 
ATOM   228 C  CA   . PHE A 1 39 ? -2.250  -2.001  7.758   1.00 36.42 ? 55   PHE A CA   1 
ATOM   229 C  C    . PHE A 1 39 ? -3.292  -1.338  6.866   1.00 36.31 ? 55   PHE A C    1 
ATOM   230 O  O    . PHE A 1 39 ? -4.182  -1.985  6.352   1.00 37.96 ? 55   PHE A O    1 
ATOM   231 C  CB   . PHE A 1 39 ? -2.570  -1.580  9.181   1.00 36.45 ? 55   PHE A CB   1 
ATOM   232 C  CG   . PHE A 1 39 ? -3.989  -1.867  9.580   1.00 35.62 ? 55   PHE A CG   1 
ATOM   233 C  CD1  . PHE A 1 39 ? -4.378  -3.161  9.893   1.00 36.69 ? 55   PHE A CD1  1 
ATOM   234 C  CD2  . PHE A 1 39 ? -4.926  -0.872  9.613   1.00 35.38 ? 55   PHE A CD2  1 
ATOM   235 C  CE1  . PHE A 1 39 ? -5.661  -3.430  10.255  1.00 36.48 ? 55   PHE A CE1  1 
ATOM   236 C  CE2  . PHE A 1 39 ? -6.219  -1.142  9.986   1.00 36.66 ? 55   PHE A CE2  1 
ATOM   237 C  CZ   . PHE A 1 39 ? -6.582  -2.428  10.310  1.00 36.19 ? 55   PHE A CZ   1 
ATOM   238 N  N    . TYR A 1 40 ? -3.243  -0.042  6.723   1.00 36.45 ? 56   TYR A N    1 
ATOM   239 C  CA   . TYR A 1 40 ? -4.195  0.604   5.815   1.00 37.14 ? 56   TYR A CA   1 
ATOM   240 C  C    . TYR A 1 40 ? -4.029  0.183   4.330   1.00 36.70 ? 56   TYR A C    1 
ATOM   241 O  O    . TYR A 1 40 ? -5.012  0.175   3.559   1.00 36.82 ? 56   TYR A O    1 
ATOM   242 C  CB   . TYR A 1 40 ? -4.094  2.109   5.971   1.00 37.17 ? 56   TYR A CB   1 
ATOM   243 C  CG   . TYR A 1 40 ? -4.508  2.560   7.331   1.00 38.53 ? 56   TYR A CG   1 
ATOM   244 C  CD1  . TYR A 1 40 ? -5.821  2.419   7.753   1.00 42.57 ? 56   TYR A CD1  1 
ATOM   245 C  CD2  . TYR A 1 40 ? -3.605  3.144   8.196   1.00 41.34 ? 56   TYR A CD2  1 
ATOM   246 C  CE1  . TYR A 1 40 ? -6.225  2.841   9.058   1.00 44.98 ? 56   TYR A CE1  1 
ATOM   247 C  CE2  . TYR A 1 40 ? -3.991  3.584   9.466   1.00 43.64 ? 56   TYR A CE2  1 
ATOM   248 C  CZ   . TYR A 1 40 ? -5.303  3.426   9.884   1.00 44.61 ? 56   TYR A CZ   1 
ATOM   249 O  OH   . TYR A 1 40 ? -5.686  3.851   11.119  1.00 48.26 ? 56   TYR A OH   1 
ATOM   250 N  N    . LEU A 1 41 ? -2.807  -0.181  3.944   1.00 35.42 ? 57   LEU A N    1 
ATOM   251 C  CA   . LEU A 1 41 ? -2.589  -0.686  2.612   1.00 35.21 ? 57   LEU A CA   1 
ATOM   252 C  C    . LEU A 1 41 ? -3.391  -1.969  2.365   1.00 36.60 ? 57   LEU A C    1 
ATOM   253 O  O    . LEU A 1 41 ? -4.271  -1.992  1.493   1.00 36.00 ? 57   LEU A O    1 
ATOM   254 C  CB   . LEU A 1 41 ? -1.110  -0.858  2.316   1.00 34.11 ? 57   LEU A CB   1 
ATOM   255 C  CG   . LEU A 1 41 ? -0.436  0.448   1.972   1.00 31.55 ? 57   LEU A CG   1 
ATOM   256 C  CD1  . LEU A 1 41 ? 1.022   0.256   1.838   1.00 29.99 ? 57   LEU A CD1  1 
ATOM   257 C  CD2  . LEU A 1 41 ? -0.992  1.008   0.721   1.00 29.28 ? 57   LEU A CD2  1 
ATOM   258 N  N    . GLY A 1 42 ? -3.131  -2.998  3.166   1.00 38.16 ? 58   GLY A N    1 
ATOM   259 C  CA   . GLY A 1 42 ? -3.860  -4.262  3.094   1.00 39.46 ? 58   GLY A CA   1 
ATOM   260 C  C    . GLY A 1 42 ? -5.353  -4.068  3.152   1.00 40.84 ? 58   GLY A C    1 
ATOM   261 O  O    . GLY A 1 42 ? -6.083  -4.721  2.456   1.00 41.36 ? 58   GLY A O    1 
ATOM   262 N  N    . GLN A 1 43 ? -5.808  -3.123  3.962   1.00 42.46 ? 59   GLN A N    1 
ATOM   263 C  CA   . GLN A 1 43 ? -7.213  -2.790  4.040   1.00 42.81 ? 59   GLN A CA   1 
ATOM   264 C  C    . GLN A 1 43 ? -7.705  -2.228  2.726   1.00 43.74 ? 59   GLN A C    1 
ATOM   265 O  O    . GLN A 1 43 ? -8.832  -2.509  2.287   1.00 44.42 ? 59   GLN A O    1 
ATOM   266 C  CB   . GLN A 1 43 ? -7.413  -1.724  5.125   1.00 43.40 ? 59   GLN A CB   1 
ATOM   267 C  CG   . GLN A 1 43 ? -7.058  -2.194  6.532   1.00 43.94 ? 59   GLN A CG   1 
ATOM   268 C  CD   . GLN A 1 43 ? -7.946  -3.314  6.991   1.00 43.24 ? 59   GLN A CD   1 
ATOM   269 O  OE1  . GLN A 1 43 ? -7.488  -4.444  7.220   1.00 42.85 ? 59   GLN A OE1  1 
ATOM   270 N  NE2  . GLN A 1 43 ? -9.234  -3.026  7.083   1.00 44.18 ? 59   GLN A NE2  1 
ATOM   271 N  N    . TYR A 1 44 ? -6.885  -1.368  2.124   1.00 44.24 ? 60   TYR A N    1 
ATOM   272 C  CA   . TYR A 1 44 ? -7.182  -0.816  0.801   1.00 44.07 ? 60   TYR A CA   1 
ATOM   273 C  C    . TYR A 1 44 ? -7.278  -1.955  -0.218  1.00 43.63 ? 60   TYR A C    1 
ATOM   274 O  O    . TYR A 1 44 ? -8.243  -2.050  -0.950  1.00 42.22 ? 60   TYR A O    1 
ATOM   275 C  CB   . TYR A 1 44 ? -6.106  0.202   0.414   1.00 44.18 ? 60   TYR A CB   1 
ATOM   276 C  CG   . TYR A 1 44 ? -6.284  0.770   -0.962  1.00 45.09 ? 60   TYR A CG   1 
ATOM   277 C  CD1  . TYR A 1 44 ? -7.109  1.857   -1.181  1.00 44.20 ? 60   TYR A CD1  1 
ATOM   278 C  CD2  . TYR A 1 44 ? -5.642  0.182   -2.067  1.00 46.93 ? 60   TYR A CD2  1 
ATOM   279 C  CE1  . TYR A 1 44 ? -7.284  2.356   -2.433  1.00 45.30 ? 60   TYR A CE1  1 
ATOM   280 C  CE2  . TYR A 1 44 ? -5.813  0.666   -3.323  1.00 46.38 ? 60   TYR A CE2  1 
ATOM   281 C  CZ   . TYR A 1 44 ? -6.630  1.758   -3.519  1.00 47.01 ? 60   TYR A CZ   1 
ATOM   282 O  OH   . TYR A 1 44 ? -6.787  2.255   -4.803  1.00 48.43 ? 60   TYR A OH   1 
ATOM   283 N  N    . ILE A 1 45 ? -6.272  -2.817  -0.223  1.00 44.54 ? 61   ILE A N    1 
ATOM   284 C  CA   . ILE A 1 45 ? -6.207  -3.975  -1.117  1.00 45.47 ? 61   ILE A CA   1 
ATOM   285 C  C    . ILE A 1 45 ? -7.464  -4.830  -0.969  1.00 47.75 ? 61   ILE A C    1 
ATOM   286 O  O    . ILE A 1 45 ? -8.067  -5.250  -1.966  1.00 48.37 ? 61   ILE A O    1 
ATOM   287 C  CB   . ILE A 1 45 ? -5.018  -4.858  -0.783  1.00 44.94 ? 61   ILE A CB   1 
ATOM   288 C  CG1  . ILE A 1 45 ? -3.698  -4.133  -1.086  1.00 43.94 ? 61   ILE A CG1  1 
ATOM   289 C  CG2  . ILE A 1 45 ? -5.087  -6.144  -1.565  1.00 44.95 ? 61   ILE A CG2  1 
ATOM   290 C  CD1  . ILE A 1 45 ? -2.427  -4.907  -0.663  1.00 40.74 ? 61   ILE A CD1  1 
ATOM   291 N  N    . MET A 1 46 ? -7.871  -5.065  0.278   1.00 49.40 ? 62   MET A N    1 
ATOM   292 C  CA   . MET A 1 46 ? -9.083  -5.815  0.567   1.00 50.57 ? 62   MET A CA   1 
ATOM   293 C  C    . MET A 1 46 ? -10.302 -5.089  0.103   1.00 50.93 ? 62   MET A C    1 
ATOM   294 O  O    . MET A 1 46 ? -11.153 -5.666  -0.559  1.00 52.47 ? 62   MET A O    1 
ATOM   295 C  CB   . MET A 1 46 ? -9.237  -6.072  2.063   1.00 50.88 ? 62   MET A CB   1 
ATOM   296 C  CG   . MET A 1 46 ? -8.294  -7.077  2.581   1.00 52.79 ? 62   MET A CG   1 
ATOM   297 S  SD   . MET A 1 46 ? -8.401  -8.590  1.628   1.00 60.79 ? 62   MET A SD   1 
ATOM   298 C  CE   . MET A 1 46 ? -10.170 -8.893  1.592   1.00 60.64 ? 62   MET A CE   1 
ATOM   299 N  N    . THR A 1 47 ? -10.413 -3.831  0.447   1.00 51.33 ? 63   THR A N    1 
ATOM   300 C  CA   . THR A 1 47 ? -11.640 -3.107  0.134   1.00 51.92 ? 63   THR A CA   1 
ATOM   301 C  C    . THR A 1 47 ? -11.765 -2.659  -1.329  1.00 52.46 ? 63   THR A C    1 
ATOM   302 O  O    . THR A 1 47 ? -12.860 -2.291  -1.765  1.00 53.19 ? 63   THR A O    1 
ATOM   303 C  CB   . THR A 1 47 ? -11.819 -1.913  1.097   1.00 51.54 ? 63   THR A CB   1 
ATOM   304 O  OG1  . THR A 1 47 ? -10.713 -1.041  0.966   1.00 50.44 ? 63   THR A OG1  1 
ATOM   305 C  CG2  . THR A 1 47 ? -11.865 -2.411  2.542   1.00 52.03 ? 63   THR A CG2  1 
ATOM   306 N  N    . LYS A 1 48 ? -10.671 -2.665  -2.079  1.00 53.21 ? 64   LYS A N    1 
ATOM   307 C  CA   . LYS A 1 48 ? -10.727 -2.407  -3.537  1.00 54.30 ? 64   LYS A CA   1 
ATOM   308 C  C    . LYS A 1 48 ? -10.763 -3.709  -4.350  1.00 55.03 ? 64   LYS A C    1 
ATOM   309 O  O    . LYS A 1 48 ? -10.795 -3.653  -5.578  1.00 55.04 ? 64   LYS A O    1 
ATOM   310 C  CB   . LYS A 1 48 ? -9.516  -1.607  -4.024  1.00 54.07 ? 64   LYS A CB   1 
ATOM   311 C  CG   . LYS A 1 48 ? -9.393  -0.212  -3.489  1.00 55.04 ? 64   LYS A CG   1 
ATOM   312 C  CD   . LYS A 1 48 ? -9.819  0.848   -4.473  1.00 56.09 ? 64   LYS A CD   1 
ATOM   313 C  CE   . LYS A 1 48 ? -11.330 0.880   -4.594  1.00 57.70 ? 64   LYS A CE   1 
ATOM   314 N  NZ   . LYS A 1 48 ? -11.827 2.173   -5.156  1.00 58.21 ? 64   LYS A NZ   1 
ATOM   315 N  N    . ARG A 1 49 ? -10.719 -4.863  -3.675  1.00 56.11 ? 65   ARG A N    1 
ATOM   316 C  CA   . ARG A 1 49 ? -10.739 -6.170  -4.339  1.00 56.89 ? 65   ARG A CA   1 
ATOM   317 C  C    . ARG A 1 49 ? -9.537  -6.367  -5.253  1.00 56.55 ? 65   ARG A C    1 
ATOM   318 O  O    . ARG A 1 49 ? -9.695  -6.744  -6.408  1.00 56.15 ? 65   ARG A O    1 
ATOM   319 C  CB   . ARG A 1 49 ? -12.055 -6.335  -5.123  1.00 57.55 ? 65   ARG A CB   1 
ATOM   320 C  CG   . ARG A 1 49 ? -13.118 -7.087  -4.363  1.00 60.84 ? 65   ARG A CG   1 
ATOM   321 C  CD   . ARG A 1 49 ? -14.519 -6.406  -4.377  1.00 66.05 ? 65   ARG A CD   1 
ATOM   322 N  NE   . ARG A 1 49 ? -15.550 -7.119  -5.154  1.00 70.99 ? 65   ARG A NE   1 
ATOM   323 C  CZ   . ARG A 1 49 ? -15.774 -8.438  -5.154  1.00 74.87 ? 65   ARG A CZ   1 
ATOM   324 N  NH1  . ARG A 1 49 ? -15.066 -9.281  -4.391  1.00 77.53 ? 65   ARG A NH1  1 
ATOM   325 N  NH2  . ARG A 1 49 ? -16.735 -8.936  -5.927  1.00 75.81 ? 65   ARG A NH2  1 
ATOM   326 N  N    . LEU A 1 50 ? -8.334  -6.129  -4.731  1.00 56.61 ? 66   LEU A N    1 
ATOM   327 C  CA   . LEU A 1 50 ? -7.113  -6.217  -5.542  1.00 56.91 ? 66   LEU A CA   1 
ATOM   328 C  C    . LEU A 1 50 ? -6.455  -7.572  -5.465  1.00 57.93 ? 66   LEU A C    1 
ATOM   329 O  O    . LEU A 1 50 ? -5.529  -7.862  -6.204  1.00 57.57 ? 66   LEU A O    1 
ATOM   330 C  CB   . LEU A 1 50 ? -6.107  -5.124  -5.151  1.00 56.16 ? 66   LEU A CB   1 
ATOM   331 C  CG   . LEU A 1 50 ? -6.588  -3.713  -5.482  1.00 55.18 ? 66   LEU A CG   1 
ATOM   332 C  CD1  . LEU A 1 50 ? -5.574  -2.659  -5.061  1.00 50.97 ? 66   LEU A CD1  1 
ATOM   333 C  CD2  . LEU A 1 50 ? -6.986  -3.565  -6.964  1.00 52.51 ? 66   LEU A CD2  1 
ATOM   334 N  N    . TYR A 1 51 ? -6.937  -8.418  -4.581  1.00 59.93 ? 67   TYR A N    1 
ATOM   335 C  CA   . TYR A 1 51 ? -6.348  -9.743  -4.436  1.00 61.79 ? 67   TYR A CA   1 
ATOM   336 C  C    . TYR A 1 51 ? -7.037  -10.720 -5.364  1.00 62.95 ? 67   TYR A C    1 
ATOM   337 O  O    . TYR A 1 51 ? -8.163  -10.481 -5.802  1.00 63.45 ? 67   TYR A O    1 
ATOM   338 C  CB   . TYR A 1 51 ? -6.425  -10.216 -2.991  1.00 61.90 ? 67   TYR A CB   1 
ATOM   339 C  CG   . TYR A 1 51 ? -7.829  -10.343 -2.449  1.00 63.11 ? 67   TYR A CG   1 
ATOM   340 C  CD1  . TYR A 1 51 ? -8.427  -11.592 -2.297  1.00 63.95 ? 67   TYR A CD1  1 
ATOM   341 C  CD2  . TYR A 1 51 ? -8.551  -9.216  -2.072  1.00 64.10 ? 67   TYR A CD2  1 
ATOM   342 C  CE1  . TYR A 1 51 ? -9.714  -11.724 -1.786  1.00 64.60 ? 67   TYR A CE1  1 
ATOM   343 C  CE2  . TYR A 1 51 ? -9.846  -9.324  -1.574  1.00 65.59 ? 67   TYR A CE2  1 
ATOM   344 C  CZ   . TYR A 1 51 ? -10.431 -10.585 -1.428  1.00 66.33 ? 67   TYR A CZ   1 
ATOM   345 O  OH   . TYR A 1 51 ? -11.720 -10.691 -0.908  1.00 67.14 ? 67   TYR A OH   1 
ATOM   346 N  N    . ASP A 1 52 ? -6.360  -11.806 -5.713  1.00 64.28 ? 68   ASP A N    1 
ATOM   347 C  CA   . ASP A 1 52 ? -7.057  -12.851 -6.436  1.00 65.53 ? 68   ASP A CA   1 
ATOM   348 C  C    . ASP A 1 52 ? -7.457  -13.926 -5.451  1.00 66.43 ? 68   ASP A C    1 
ATOM   349 O  O    . ASP A 1 52 ? -6.592  -14.499 -4.768  1.00 66.84 ? 68   ASP A O    1 
ATOM   350 C  CB   . ASP A 1 52 ? -6.200  -13.450 -7.535  1.00 65.47 ? 68   ASP A CB   1 
ATOM   351 C  CG   . ASP A 1 52 ? -6.956  -14.492 -8.360  1.00 66.37 ? 68   ASP A CG   1 
ATOM   352 O  OD1  . ASP A 1 52 ? -6.340  -15.525 -8.730  1.00 66.79 ? 68   ASP A OD1  1 
ATOM   353 O  OD2  . ASP A 1 52 ? -8.170  -14.275 -8.631  1.00 65.56 ? 68   ASP A OD2  1 
ATOM   354 N  N    . GLU A 1 53 ? -8.762  -14.199 -5.381  1.00 67.19 ? 69   GLU A N    1 
ATOM   355 C  CA   . GLU A 1 53 ? -9.285  -15.245 -4.491  1.00 67.89 ? 69   GLU A CA   1 
ATOM   356 C  C    . GLU A 1 53 ? -8.751  -16.656 -4.855  1.00 67.84 ? 69   GLU A C    1 
ATOM   357 O  O    . GLU A 1 53 ? -8.647  -17.532 -3.988  1.00 68.15 ? 69   GLU A O    1 
ATOM   358 C  CB   . GLU A 1 53 ? -10.823 -15.184 -4.426  1.00 68.17 ? 69   GLU A CB   1 
ATOM   359 C  CG   . GLU A 1 53 ? -11.607 -15.906 -5.571  1.00 70.58 ? 69   GLU A CG   1 
ATOM   360 C  CD   . GLU A 1 53 ? -11.568 -15.189 -6.938  1.00 72.45 ? 69   GLU A CD   1 
ATOM   361 O  OE1  . GLU A 1 53 ? -12.427 -15.517 -7.792  1.00 73.64 ? 69   GLU A OE1  1 
ATOM   362 O  OE2  . GLU A 1 53 ? -10.690 -14.315 -7.161  1.00 73.57 ? 69   GLU A OE2  1 
ATOM   363 N  N    . LYS A 1 54 ? -8.372  -16.851 -6.116  1.00 67.69 ? 70   LYS A N    1 
ATOM   364 C  CA   . LYS A 1 54 ? -7.827  -18.130 -6.591  1.00 67.83 ? 70   LYS A CA   1 
ATOM   365 C  C    . LYS A 1 54 ? -6.275  -18.240 -6.707  1.00 67.63 ? 70   LYS A C    1 
ATOM   366 O  O    . LYS A 1 54 ? -5.754  -19.321 -7.009  1.00 67.60 ? 70   LYS A O    1 
ATOM   367 C  CB   . LYS A 1 54 ? -8.506  -18.491 -7.913  1.00 67.83 ? 70   LYS A CB   1 
ATOM   368 C  CG   . LYS A 1 54 ? -9.966  -18.880 -7.708  1.00 68.65 ? 70   LYS A CG   1 
ATOM   369 C  CD   . LYS A 1 54 ? -10.712 -19.223 -9.012  1.00 69.20 ? 70   LYS A CD   1 
ATOM   370 C  CE   . LYS A 1 54 ? -11.558 -18.052 -9.548  1.00 69.80 ? 70   LYS A CE   1 
ATOM   371 N  NZ   . LYS A 1 54 ? -10.861 -17.207 -10.577 1.00 71.28 ? 70   LYS A NZ   1 
ATOM   372 N  N    . GLN A 1 55 ? -5.561  -17.134 -6.471  1.00 67.35 ? 71   GLN A N    1 
ATOM   373 C  CA   . GLN A 1 55 ? -4.085  -17.112 -6.312  1.00 66.98 ? 71   GLN A CA   1 
ATOM   374 C  C    . GLN A 1 55 ? -3.738  -16.907 -4.828  1.00 66.42 ? 71   GLN A C    1 
ATOM   375 O  O    . GLN A 1 55 ? -2.657  -17.313 -4.341  1.00 66.73 ? 71   GLN A O    1 
ATOM   376 C  CB   . GLN A 1 55 ? -3.465  -15.958 -7.117  1.00 67.26 ? 71   GLN A CB   1 
ATOM   377 C  CG   . GLN A 1 55 ? -3.416  -16.143 -8.634  1.00 67.92 ? 71   GLN A CG   1 
ATOM   378 C  CD   . GLN A 1 55 ? -2.096  -16.732 -9.100  1.00 69.64 ? 71   GLN A CD   1 
ATOM   379 O  OE1  . GLN A 1 55 ? -1.423  -17.433 -8.343  1.00 71.12 ? 71   GLN A OE1  1 
ATOM   380 N  NE2  . GLN A 1 55 ? -1.714  -16.439 -10.347 1.00 71.43 ? 71   GLN A NE2  1 
ATOM   381 N  N    . GLN A 1 56 ? -4.643  -16.211 -4.136  1.00 65.09 ? 72   GLN A N    1 
ATOM   382 C  CA   . GLN A 1 56 ? -4.740  -16.221 -2.664  1.00 63.96 ? 72   GLN A CA   1 
ATOM   383 C  C    . GLN A 1 56 ? -3.692  -15.328 -1.914  1.00 62.11 ? 72   GLN A C    1 
ATOM   384 O  O    . GLN A 1 56 ? -3.962  -14.864 -0.803  1.00 62.49 ? 72   GLN A O    1 
ATOM   385 C  CB   . GLN A 1 56 ? -4.889  -17.673 -2.122  1.00 64.13 ? 72   GLN A CB   1 
ATOM   386 C  CG   . GLN A 1 56 ? -3.816  -18.155 -1.135  1.00 65.10 ? 72   GLN A CG   1 
ATOM   387 N  N    . HIS A 1 57 ? -2.529  -15.072 -2.515  1.00 59.50 ? 73   HIS A N    1 
ATOM   388 C  CA   . HIS A 1 57 ? -1.695  -13.921 -2.097  1.00 56.93 ? 73   HIS A CA   1 
ATOM   389 C  C    . HIS A 1 57 ? -0.990  -13.187 -3.259  1.00 53.94 ? 73   HIS A C    1 
ATOM   390 O  O    . HIS A 1 57 ? 0.147   -12.723 -3.131  1.00 53.66 ? 73   HIS A O    1 
ATOM   391 C  CB   . HIS A 1 57 ? -0.703  -14.250 -0.944  1.00 57.29 ? 73   HIS A CB   1 
ATOM   392 C  CG   . HIS A 1 57 ? -0.073  -15.604 -1.005  1.00 58.25 ? 73   HIS A CG   1 
ATOM   393 N  ND1  . HIS A 1 57 ? 1.036   -15.876 -1.779  1.00 60.20 ? 73   HIS A ND1  1 
ATOM   394 C  CD2  . HIS A 1 57 ? -0.348  -16.742 -0.320  1.00 60.15 ? 73   HIS A CD2  1 
ATOM   395 C  CE1  . HIS A 1 57 ? 1.388   -17.140 -1.605  1.00 62.19 ? 73   HIS A CE1  1 
ATOM   396 N  NE2  . HIS A 1 57 ? 0.563   -17.689 -0.726  1.00 61.69 ? 73   HIS A NE2  1 
ATOM   397 N  N    . ILE A 1 58 ? -1.686  -13.050 -4.380  1.00 50.03 ? 74   ILE A N    1 
ATOM   398 C  CA   . ILE A 1 58 ? -1.220  -12.169 -5.442  1.00 47.04 ? 74   ILE A CA   1 
ATOM   399 C  C    . ILE A 1 58 ? -2.172  -10.993 -5.481  1.00 44.38 ? 74   ILE A C    1 
ATOM   400 O  O    . ILE A 1 58 ? -3.378  -11.135 -5.537  1.00 43.66 ? 74   ILE A O    1 
ATOM   401 C  CB   . ILE A 1 58 ? -1.108  -12.846 -6.808  1.00 46.75 ? 74   ILE A CB   1 
ATOM   402 C  CG1  . ILE A 1 58 ? -0.267  -14.123 -6.704  1.00 46.89 ? 74   ILE A CG1  1 
ATOM   403 C  CG2  . ILE A 1 58 ? -0.479  -11.888 -7.828  1.00 46.06 ? 74   ILE A CG2  1 
ATOM   404 C  CD1  . ILE A 1 58 ? 1.184   -13.901 -6.245  1.00 46.92 ? 74   ILE A CD1  1 
ATOM   405 N  N    . VAL A 1 59 ? -1.589  -9.827  -5.377  1.00 41.86 ? 75   VAL A N    1 
ATOM   406 C  CA   . VAL A 1 59 ? -2.329  -8.622  -5.320  1.00 40.26 ? 75   VAL A CA   1 
ATOM   407 C  C    . VAL A 1 59 ? -2.267  -8.127  -6.720  1.00 39.00 ? 75   VAL A C    1 
ATOM   408 O  O    . VAL A 1 59 ? -1.180  -7.914  -7.226  1.00 38.32 ? 75   VAL A O    1 
ATOM   409 C  CB   . VAL A 1 59 ? -1.679  -7.626  -4.325  1.00 40.31 ? 75   VAL A CB   1 
ATOM   410 C  CG1  . VAL A 1 59 ? -2.227  -6.203  -4.521  1.00 38.72 ? 75   VAL A CG1  1 
ATOM   411 C  CG2  . VAL A 1 59 ? -1.890  -8.140  -2.893  1.00 38.64 ? 75   VAL A CG2  1 
ATOM   412 N  N    . TYR A 1 60 ? -3.430  -7.998  -7.347  1.00 37.85 ? 76   TYR A N    1 
ATOM   413 C  CA   . TYR A 1 60 ? -3.530  -7.429  -8.663  1.00 37.89 ? 76   TYR A CA   1 
ATOM   414 C  C    . TYR A 1 60 ? -3.853  -6.000  -8.510  1.00 38.37 ? 76   TYR A C    1 
ATOM   415 O  O    . TYR A 1 60 ? -4.971  -5.668  -8.260  1.00 38.63 ? 76   TYR A O    1 
ATOM   416 C  CB   . TYR A 1 60 ? -4.588  -8.157  -9.496  1.00 37.46 ? 76   TYR A CB   1 
ATOM   417 C  CG   . TYR A 1 60 ? -4.069  -9.519  -9.890  1.00 37.12 ? 76   TYR A CG   1 
ATOM   418 C  CD1  . TYR A 1 60 ? -3.120  -9.651  -10.905 1.00 35.84 ? 76   TYR A CD1  1 
ATOM   419 C  CD2  . TYR A 1 60 ? -4.447  -10.664 -9.201  1.00 36.42 ? 76   TYR A CD2  1 
ATOM   420 C  CE1  . TYR A 1 60 ? -2.618  -10.885 -11.268 1.00 34.61 ? 76   TYR A CE1  1 
ATOM   421 C  CE2  . TYR A 1 60 ? -3.944  -11.904 -9.568  1.00 35.30 ? 76   TYR A CE2  1 
ATOM   422 C  CZ   . TYR A 1 60 ? -3.033  -11.992 -10.603 1.00 35.41 ? 76   TYR A CZ   1 
ATOM   423 O  OH   . TYR A 1 60 ? -2.507  -13.198 -10.947 1.00 36.03 ? 76   TYR A OH   1 
ATOM   424 N  N    . CYS A 1 61 ? -2.857  -5.140  -8.626  1.00 40.05 ? 77   CYS A N    1 
ATOM   425 C  CA   . CYS A 1 61 ? -3.083  -3.717  -8.419  1.00 42.26 ? 77   CYS A CA   1 
ATOM   426 C  C    . CYS A 1 61 ? -3.081  -2.978  -9.733  1.00 44.17 ? 77   CYS A C    1 
ATOM   427 O  O    . CYS A 1 61 ? -3.102  -1.755  -9.789  1.00 44.79 ? 77   CYS A O    1 
ATOM   428 C  CB   . CYS A 1 61 ? -2.033  -3.131  -7.466  1.00 42.03 ? 77   CYS A CB   1 
ATOM   429 S  SG   . CYS A 1 61 ? -0.374  -3.658  -7.833  1.00 40.57 ? 77   CYS A SG   1 
ATOM   430 N  N    . SER A 1 62 ? -3.046  -3.725  -10.813 1.00 46.81 ? 78   SER A N    1 
ATOM   431 C  CA   . SER A 1 62 ? -3.138  -3.107  -12.114 1.00 48.11 ? 78   SER A CA   1 
ATOM   432 C  C    . SER A 1 62 ? -4.425  -2.331  -12.150 1.00 48.14 ? 78   SER A C    1 
ATOM   433 O  O    . SER A 1 62 ? -5.430  -2.729  -11.522 1.00 48.86 ? 78   SER A O    1 
ATOM   434 C  CB   . SER A 1 62 ? -3.139  -4.167  -13.220 1.00 48.80 ? 78   SER A CB   1 
ATOM   435 O  OG   . SER A 1 62 ? -2.302  -3.749  -14.286 1.00 50.94 ? 78   SER A OG   1 
ATOM   436 N  N    . ASN A 1 63 ? -4.392  -1.227  -12.882 1.00 48.42 ? 79   ASN A N    1 
ATOM   437 C  CA   . ASN A 1 63 ? -5.561  -0.397  -13.072 1.00 48.63 ? 79   ASN A CA   1 
ATOM   438 C  C    . ASN A 1 63 ? -6.129  -0.011  -11.693 1.00 48.26 ? 79   ASN A C    1 
ATOM   439 O  O    . ASN A 1 63 ? -7.263  -0.335  -11.369 1.00 49.68 ? 79   ASN A O    1 
ATOM   440 C  CB   . ASN A 1 63 ? -6.622  -1.145  -13.917 1.00 48.55 ? 79   ASN A CB   1 
ATOM   441 C  CG   . ASN A 1 63 ? -6.010  -2.104  -14.945 1.00 49.16 ? 79   ASN A CG   1 
ATOM   442 O  OD1  . ASN A 1 63 ? -5.325  -1.683  -15.895 1.00 48.44 ? 79   ASN A OD1  1 
ATOM   443 N  ND2  . ASN A 1 63 ? -6.288  -3.400  -14.773 1.00 46.12 ? 79   ASN A ND2  1 
ATOM   444 N  N    . ASP A 1 64 ? -5.308  0.620   -10.866 1.00 47.46 ? 80   ASP A N    1 
ATOM   445 C  CA   . ASP A 1 64 ? -5.744  1.143   -9.566  1.00 46.28 ? 80   ASP A CA   1 
ATOM   446 C  C    . ASP A 1 64 ? -4.673  2.078   -9.038  1.00 44.88 ? 80   ASP A C    1 
ATOM   447 O  O    . ASP A 1 64 ? -3.532  1.947   -9.418  1.00 44.67 ? 80   ASP A O    1 
ATOM   448 C  CB   . ASP A 1 64 ? -6.006  -0.010  -8.598  1.00 46.64 ? 80   ASP A CB   1 
ATOM   449 C  CG   . ASP A 1 64 ? -6.425  0.461   -7.212  1.00 47.72 ? 80   ASP A CG   1 
ATOM   450 O  OD1  . ASP A 1 64 ? -7.621  0.358   -6.868  1.00 49.20 ? 80   ASP A OD1  1 
ATOM   451 O  OD2  . ASP A 1 64 ? -5.549  0.942   -6.463  1.00 50.25 ? 80   ASP A OD2  1 
ATOM   452 N  N    . LEU A 1 65 ? -5.043  3.047   -8.200  1.00 44.40 ? 81   LEU A N    1 
ATOM   453 C  CA   . LEU A 1 65 ? -4.068  4.008   -7.638  1.00 43.52 ? 81   LEU A CA   1 
ATOM   454 C  C    . LEU A 1 65 ? -2.846  3.324   -7.021  1.00 42.79 ? 81   LEU A C    1 
ATOM   455 O  O    . LEU A 1 65 ? -1.714  3.811   -7.148  1.00 42.42 ? 81   LEU A O    1 
ATOM   456 C  CB   . LEU A 1 65 ? -4.727  4.916   -6.598  1.00 43.49 ? 81   LEU A CB   1 
ATOM   457 C  CG   . LEU A 1 65 ? -3.821  5.706   -5.628  1.00 43.49 ? 81   LEU A CG   1 
ATOM   458 C  CD1  . LEU A 1 65 ? -2.690  6.426   -6.349  1.00 44.08 ? 81   LEU A CD1  1 
ATOM   459 C  CD2  . LEU A 1 65 ? -4.646  6.724   -4.828  1.00 42.93 ? 81   LEU A CD2  1 
ATOM   460 N  N    . LEU A 1 66 ? -3.078  2.196   -6.356  1.00 41.86 ? 82   LEU A N    1 
ATOM   461 C  CA   . LEU A 1 66 ? -1.998  1.477   -5.673  1.00 41.06 ? 82   LEU A CA   1 
ATOM   462 C  C    . LEU A 1 66 ? -0.928  1.069   -6.659  1.00 41.24 ? 82   LEU A C    1 
ATOM   463 O  O    . LEU A 1 66 ? 0.244   1.233   -6.369  1.00 41.75 ? 82   LEU A O    1 
ATOM   464 C  CB   . LEU A 1 66 ? -2.519  0.244   -4.902  1.00 39.99 ? 82   LEU A CB   1 
ATOM   465 C  CG   . LEU A 1 66 ? -1.462  -0.639  -4.235  1.00 37.30 ? 82   LEU A CG   1 
ATOM   466 C  CD1  . LEU A 1 66 ? -0.669  0.111   -3.169  1.00 36.05 ? 82   LEU A CD1  1 
ATOM   467 C  CD2  . LEU A 1 66 ? -2.083  -1.890  -3.663  1.00 34.32 ? 82   LEU A CD2  1 
ATOM   468 N  N    . GLY A 1 67 ? -1.333  0.541   -7.813  1.00 41.64 ? 83   GLY A N    1 
ATOM   469 C  CA   . GLY A 1 67 ? -0.386  0.112   -8.842  1.00 42.09 ? 83   GLY A CA   1 
ATOM   470 C  C    . GLY A 1 67 ? 0.383   1.265   -9.431  1.00 42.61 ? 83   GLY A C    1 
ATOM   471 O  O    . GLY A 1 67 ? 1.574   1.170   -9.682  1.00 43.49 ? 83   GLY A O    1 
ATOM   472 N  N    . ASP A 1 68 ? -0.304  2.372   -9.641  1.00 43.89 ? 84   ASP A N    1 
ATOM   473 C  CA   . ASP A 1 68 ? 0.347   3.615   -10.039 1.00 44.92 ? 84   ASP A CA   1 
ATOM   474 C  C    . ASP A 1 68 ? 1.393   4.038   -8.988  1.00 45.26 ? 84   ASP A C    1 
ATOM   475 O  O    . ASP A 1 68 ? 2.454   4.531   -9.345  1.00 46.83 ? 84   ASP A O    1 
ATOM   476 C  CB   . ASP A 1 68 ? -0.691  4.732   -10.223 1.00 45.33 ? 84   ASP A CB   1 
ATOM   477 C  CG   . ASP A 1 68 ? -1.883  4.303   -11.072 1.00 46.94 ? 84   ASP A CG   1 
ATOM   478 O  OD1  . ASP A 1 68 ? -1.757  3.303   -11.808 1.00 49.28 ? 84   ASP A OD1  1 
ATOM   479 O  OD2  . ASP A 1 68 ? -2.955  4.960   -11.006 1.00 49.82 ? 84   ASP A OD2  1 
ATOM   480 N  N    . LEU A 1 69 ? 1.093   3.867   -7.701  1.00 44.93 ? 85   LEU A N    1 
ATOM   481 C  CA   . LEU A 1 69 ? 2.058   4.197   -6.637  1.00 44.68 ? 85   LEU A CA   1 
ATOM   482 C  C    . LEU A 1 69 ? 3.188   3.208   -6.564  1.00 44.26 ? 85   LEU A C    1 
ATOM   483 O  O    . LEU A 1 69 ? 4.342   3.595   -6.366  1.00 43.48 ? 85   LEU A O    1 
ATOM   484 C  CB   . LEU A 1 69 ? 1.379   4.235   -5.264  1.00 44.32 ? 85   LEU A CB   1 
ATOM   485 C  CG   . LEU A 1 69 ? 0.413   5.400   -5.112  1.00 45.01 ? 85   LEU A CG   1 
ATOM   486 C  CD1  . LEU A 1 69 ? 0.327   5.757   -3.680  1.00 46.52 ? 85   LEU A CD1  1 
ATOM   487 C  CD2  . LEU A 1 69 ? 0.838   6.606   -5.933  1.00 44.71 ? 85   LEU A CD2  1 
ATOM   488 N  N    . PHE A 1 70 ? 2.833   1.930   -6.703  1.00 43.73 ? 86   PHE A N    1 
ATOM   489 C  CA   . PHE A 1 70 ? 3.796   0.842   -6.621  1.00 43.86 ? 86   PHE A CA   1 
ATOM   490 C  C    . PHE A 1 70 ? 4.565   0.581   -7.899  1.00 43.77 ? 86   PHE A C    1 
ATOM   491 O  O    . PHE A 1 70 ? 5.616   -0.087  -7.863  1.00 43.96 ? 86   PHE A O    1 
ATOM   492 C  CB   . PHE A 1 70 ? 3.072   -0.432  -6.206  1.00 44.22 ? 86   PHE A CB   1 
ATOM   493 C  CG   . PHE A 1 70 ? 2.866   -0.566  -4.722  1.00 43.51 ? 86   PHE A CG   1 
ATOM   494 C  CD1  . PHE A 1 70 ? 3.204   0.460   -3.836  1.00 42.77 ? 86   PHE A CD1  1 
ATOM   495 C  CD2  . PHE A 1 70 ? 2.327   -1.734  -4.214  1.00 43.72 ? 86   PHE A CD2  1 
ATOM   496 C  CE1  . PHE A 1 70 ? 3.017   0.301   -2.468  1.00 42.86 ? 86   PHE A CE1  1 
ATOM   497 C  CE2  . PHE A 1 70 ? 2.131   -1.899  -2.852  1.00 44.07 ? 86   PHE A CE2  1 
ATOM   498 C  CZ   . PHE A 1 70 ? 2.482   -0.870  -1.976  1.00 43.52 ? 86   PHE A CZ   1 
ATOM   499 N  N    . GLY A 1 71 ? 4.043   1.078   -9.026  1.00 43.70 ? 87   GLY A N    1 
ATOM   500 C  CA   . GLY A 1 71 ? 4.699   0.920   -10.349 1.00 43.19 ? 87   GLY A CA   1 
ATOM   501 C  C    . GLY A 1 71 ? 4.761   -0.523  -10.845 1.00 42.40 ? 87   GLY A C    1 
ATOM   502 O  O    . GLY A 1 71 ? 5.732   -0.950  -11.447 1.00 42.59 ? 87   GLY A O    1 
ATOM   503 N  N    . VAL A 1 72 ? 3.713   -1.283  -10.578 1.00 41.47 ? 88   VAL A N    1 
ATOM   504 C  CA   . VAL A 1 72 ? 3.721   -2.684  -10.875 1.00 40.51 ? 88   VAL A CA   1 
ATOM   505 C  C    . VAL A 1 72 ? 2.260   -3.127  -11.020 1.00 40.02 ? 88   VAL A C    1 
ATOM   506 O  O    . VAL A 1 72 ? 1.368   -2.540  -10.414 1.00 39.56 ? 88   VAL A O    1 
ATOM   507 C  CB   . VAL A 1 72 ? 4.460   -3.509  -9.772  1.00 40.89 ? 88   VAL A CB   1 
ATOM   508 C  CG1  . VAL A 1 72 ? 5.939   -3.182  -9.735  1.00 39.46 ? 88   VAL A CG1  1 
ATOM   509 C  CG2  . VAL A 1 72 ? 3.800   -3.311  -8.420  1.00 40.09 ? 88   VAL A CG2  1 
ATOM   510 N  N    . PRO A 1 73 ? 2.010   -4.135  -11.866 1.00 39.09 ? 89   PRO A N    1 
ATOM   511 C  CA   . PRO A 1 73 ? 0.639   -4.558  -12.108 1.00 38.83 ? 89   PRO A CA   1 
ATOM   512 C  C    . PRO A 1 73 ? 0.160   -5.568  -11.061 1.00 37.57 ? 89   PRO A C    1 
ATOM   513 O  O    . PRO A 1 73 ? -1.061  -5.733  -10.846 1.00 36.48 ? 89   PRO A O    1 
ATOM   514 C  CB   . PRO A 1 73 ? 0.714   -5.173  -13.511 1.00 39.08 ? 89   PRO A CB   1 
ATOM   515 C  CG   . PRO A 1 73 ? 2.100   -5.755  -13.568 1.00 39.67 ? 89   PRO A CG   1 
ATOM   516 C  CD   . PRO A 1 73 ? 2.979   -4.935  -12.636 1.00 39.25 ? 89   PRO A CD   1 
ATOM   517 N  N    . SER A 1 74 ? 1.117   -6.195  -10.398 1.00 36.16 ? 90   SER A N    1 
ATOM   518 C  CA   . SER A 1 74 ? 0.811   -7.153  -9.369  1.00 35.72 ? 90   SER A CA   1 
ATOM   519 C  C    . SER A 1 74 ? 2.097   -7.529  -8.634  1.00 35.07 ? 90   SER A C    1 
ATOM   520 O  O    . SER A 1 74 ? 3.200   -7.213  -9.094  1.00 34.09 ? 90   SER A O    1 
ATOM   521 C  CB   . SER A 1 74 ? 0.166   -8.409  -9.976  1.00 35.41 ? 90   SER A CB   1 
ATOM   522 O  OG   . SER A 1 74 ? 1.060   -9.037  -10.871 1.00 34.76 ? 90   SER A OG   1 
ATOM   523 N  N    . PHE A 1 75 ? 1.924   -8.208  -7.504  1.00 34.85 ? 91   PHE A N    1 
ATOM   524 C  CA   . PHE A 1 75 ? 3.023   -8.641  -6.668  1.00 35.25 ? 91   PHE A CA   1 
ATOM   525 C  C    . PHE A 1 75 ? 2.492   -9.673  -5.663  1.00 37.02 ? 91   PHE A C    1 
ATOM   526 O  O    . PHE A 1 75 ? 1.280   -9.738  -5.374  1.00 37.99 ? 91   PHE A O    1 
ATOM   527 C  CB   . PHE A 1 75 ? 3.687   -7.429  -5.969  1.00 34.86 ? 91   PHE A CB   1 
ATOM   528 C  CG   . PHE A 1 75 ? 2.773   -6.667  -5.037  1.00 32.87 ? 91   PHE A CG   1 
ATOM   529 C  CD1  . PHE A 1 75 ? 2.580   -7.077  -3.724  1.00 32.08 ? 91   PHE A CD1  1 
ATOM   530 C  CD2  . PHE A 1 75 ? 2.111   -5.540  -5.470  1.00 31.79 ? 91   PHE A CD2  1 
ATOM   531 C  CE1  . PHE A 1 75 ? 1.720   -6.367  -2.870  1.00 31.68 ? 91   PHE A CE1  1 
ATOM   532 C  CE2  . PHE A 1 75 ? 1.261   -4.856  -4.640  1.00 30.36 ? 91   PHE A CE2  1 
ATOM   533 C  CZ   . PHE A 1 75 ? 1.064   -5.267  -3.337  1.00 30.50 ? 91   PHE A CZ   1 
ATOM   534 N  N    . SER A 1 76 ? 3.369   -10.516 -5.156  1.00 38.39 ? 92   SER A N    1 
ATOM   535 C  CA   . SER A 1 76 ? 2.994   -11.427 -4.073  1.00 39.70 ? 92   SER A CA   1 
ATOM   536 C  C    . SER A 1 76 ? 3.087   -10.715 -2.698  1.00 40.66 ? 92   SER A C    1 
ATOM   537 O  O    . SER A 1 76 ? 4.014   -9.983  -2.433  1.00 40.53 ? 92   SER A O    1 
ATOM   538 C  CB   . SER A 1 76 ? 3.918   -12.653 -4.070  1.00 39.79 ? 92   SER A CB   1 
ATOM   539 O  OG   . SER A 1 76 ? 3.677   -13.458 -2.933  1.00 40.18 ? 92   SER A OG   1 
ATOM   540 N  N    . VAL A 1 77 ? 2.146   -10.970 -1.808  1.00 42.35 ? 93   VAL A N    1 
ATOM   541 C  CA   . VAL A 1 77 ? 2.296   -10.480 -0.454  1.00 43.90 ? 93   VAL A CA   1 
ATOM   542 C  C    . VAL A 1 77 ? 3.432   -11.184 0.274   1.00 44.46 ? 93   VAL A C    1 
ATOM   543 O  O    . VAL A 1 77 ? 3.792   -10.757 1.362   1.00 45.27 ? 93   VAL A O    1 
ATOM   544 C  CB   . VAL A 1 77 ? 1.061   -10.668 0.379   1.00 43.95 ? 93   VAL A CB   1 
ATOM   545 C  CG1  . VAL A 1 77 ? -0.149  -10.206 -0.393  1.00 45.18 ? 93   VAL A CG1  1 
ATOM   546 C  CG2  . VAL A 1 77 ? 0.961   -12.112 0.818   1.00 44.81 ? 93   VAL A CG2  1 
ATOM   547 N  N    . LYS A 1 78 ? 3.967   -12.263 -0.307  1.00 44.87 ? 94   LYS A N    1 
ATOM   548 C  CA   . LYS A 1 78 ? 5.174   -12.938 0.197   1.00 44.76 ? 94   LYS A CA   1 
ATOM   549 C  C    . LYS A 1 78 ? 6.454   -12.218 -0.104  1.00 44.25 ? 94   LYS A C    1 
ATOM   550 O  O    . LYS A 1 78 ? 7.485   -12.610 0.437   1.00 44.59 ? 94   LYS A O    1 
ATOM   551 C  CB   . LYS A 1 78 ? 5.347   -14.332 -0.436  1.00 45.05 ? 94   LYS A CB   1 
ATOM   552 C  CG   . LYS A 1 78 ? 4.224   -15.293 -0.132  1.00 47.71 ? 94   LYS A CG   1 
ATOM   553 C  CD   . LYS A 1 78 ? 4.569   -16.713 -0.595  1.00 51.37 ? 94   LYS A CD   1 
ATOM   554 C  CE   . LYS A 1 78 ? 5.685   -17.365 0.246   1.00 52.65 ? 94   LYS A CE   1 
ATOM   555 N  NZ   . LYS A 1 78 ? 5.734   -18.847 -0.003  1.00 53.57 ? 94   LYS A NZ   1 
ATOM   556 N  N    . GLU A 1 79 ? 6.442   -11.237 -1.009  1.00 43.42 ? 95   GLU A N    1 
ATOM   557 C  CA   . GLU A 1 79 ? 7.671   -10.511 -1.313  1.00 43.32 ? 95   GLU A CA   1 
ATOM   558 C  C    . GLU A 1 79 ? 7.785   -9.297  -0.408  1.00 42.96 ? 95   GLU A C    1 
ATOM   559 O  O    . GLU A 1 79 ? 7.390   -8.182  -0.775  1.00 43.50 ? 95   GLU A O    1 
ATOM   560 C  CB   . GLU A 1 79 ? 7.733   -10.079 -2.775  1.00 43.41 ? 95   GLU A CB   1 
ATOM   561 C  CG   . GLU A 1 79 ? 7.532   -11.209 -3.778  1.00 45.04 ? 95   GLU A CG   1 
ATOM   562 C  CD   . GLU A 1 79 ? 7.094   -10.684 -5.144  1.00 46.13 ? 95   GLU A CD   1 
ATOM   563 O  OE1  . GLU A 1 79 ? 5.980   -10.115 -5.282  1.00 47.27 ? 95   GLU A OE1  1 
ATOM   564 O  OE2  . GLU A 1 79 ? 7.889   -10.833 -6.082  1.00 47.56 ? 95   GLU A OE2  1 
ATOM   565 N  N    . HIS A 1 80 ? 8.358   -9.509  0.766   1.00 42.37 ? 96   HIS A N    1 
ATOM   566 C  CA   . HIS A 1 80 ? 8.322   -8.480  1.821   1.00 41.66 ? 96   HIS A CA   1 
ATOM   567 C  C    . HIS A 1 80 ? 9.184   -7.260  1.479   1.00 39.95 ? 96   HIS A C    1 
ATOM   568 O  O    . HIS A 1 80 ? 8.790   -6.131  1.716   1.00 39.05 ? 96   HIS A O    1 
ATOM   569 C  CB   . HIS A 1 80 ? 8.733   -9.093  3.146   1.00 41.26 ? 96   HIS A CB   1 
ATOM   570 C  CG   . HIS A 1 80 ? 7.758   -10.083 3.678   1.00 41.79 ? 96   HIS A CG   1 
ATOM   571 N  ND1  . HIS A 1 80 ? 8.037   -11.426 3.766   1.00 46.33 ? 96   HIS A ND1  1 
ATOM   572 C  CD2  . HIS A 1 80 ? 6.521   -9.925  4.209   1.00 45.87 ? 96   HIS A CD2  1 
ATOM   573 C  CE1  . HIS A 1 80 ? 7.009   -12.061 4.310   1.00 46.97 ? 96   HIS A CE1  1 
ATOM   574 N  NE2  . HIS A 1 80 ? 6.071   -11.172 4.588   1.00 45.95 ? 96   HIS A NE2  1 
ATOM   575 N  N    . ARG A 1 81 ? 10.329  -7.523  0.871   1.00 38.73 ? 97   ARG A N    1 
ATOM   576 C  CA   . ARG A 1 81 ? 11.269  -6.492  0.501   1.00 38.29 ? 97   ARG A CA   1 
ATOM   577 C  C    . ARG A 1 81 ? 10.773  -5.696  -0.690  1.00 38.36 ? 97   ARG A C    1 
ATOM   578 O  O    . ARG A 1 81 ? 10.877  -4.461  -0.732  1.00 37.98 ? 97   ARG A O    1 
ATOM   579 C  CB   . ARG A 1 81 ? 12.599  -7.115  0.160   1.00 37.46 ? 97   ARG A CB   1 
ATOM   580 C  CG   . ARG A 1 81 ? 13.039  -8.137  1.176   1.00 40.18 ? 97   ARG A CG   1 
ATOM   581 C  CD   . ARG A 1 81 ? 14.543  -8.441  1.206   1.00 41.42 ? 97   ARG A CD   1 
ATOM   582 N  NE   . ARG A 1 81 ? 14.698  -9.892  1.165   1.00 43.75 ? 97   ARG A NE   1 
ATOM   583 C  CZ   . ARG A 1 81 ? 15.449  -10.576 0.297   1.00 46.36 ? 97   ARG A CZ   1 
ATOM   584 N  NH1  . ARG A 1 81 ? 16.186  -9.954  -0.611  1.00 49.12 ? 97   ARG A NH1  1 
ATOM   585 N  NH2  . ARG A 1 81 ? 15.472  -11.905 0.347   1.00 44.70 ? 97   ARG A NH2  1 
ATOM   586 N  N    . LYS A 1 82 ? 10.221  -6.407  -1.664  1.00 38.67 ? 98   LYS A N    1 
ATOM   587 C  CA   . LYS A 1 82 ? 9.679   -5.752  -2.858  1.00 38.89 ? 98   LYS A CA   1 
ATOM   588 C  C    . LYS A 1 82 ? 8.660   -4.716  -2.390  1.00 37.29 ? 98   LYS A C    1 
ATOM   589 O  O    . LYS A 1 82 ? 8.735   -3.557  -2.734  1.00 36.87 ? 98   LYS A O    1 
ATOM   590 C  CB   . LYS A 1 82 ? 9.058   -6.802  -3.784  1.00 39.07 ? 98   LYS A CB   1 
ATOM   591 C  CG   . LYS A 1 82 ? 8.508   -6.286  -5.107  1.00 41.96 ? 98   LYS A CG   1 
ATOM   592 C  CD   . LYS A 1 82 ? 8.230   -7.487  -6.089  1.00 44.63 ? 98   LYS A CD   1 
ATOM   593 C  CE   . LYS A 1 82 ? 7.457   -7.072  -7.366  1.00 47.47 ? 98   LYS A CE   1 
ATOM   594 N  NZ   . LYS A 1 82 ? 8.154   -6.057  -8.263  1.00 47.30 ? 98   LYS A NZ   1 
ATOM   595 N  N    . ILE A 1 83 ? 7.743   -5.154  -1.553  1.00 36.41 ? 99   ILE A N    1 
ATOM   596 C  CA   . ILE A 1 83 ? 6.699   -4.307  -1.063  1.00 35.74 ? 99   ILE A CA   1 
ATOM   597 C  C    . ILE A 1 83 ? 7.228   -3.175  -0.203  1.00 36.07 ? 99   ILE A C    1 
ATOM   598 O  O    . ILE A 1 83 ? 6.763   -2.035  -0.316  1.00 36.84 ? 99   ILE A O    1 
ATOM   599 C  CB   . ILE A 1 83 ? 5.759   -5.081  -0.226  1.00 35.51 ? 99   ILE A CB   1 
ATOM   600 C  CG1  . ILE A 1 83 ? 4.872   -5.943  -1.133  1.00 35.63 ? 99   ILE A CG1  1 
ATOM   601 C  CG2  . ILE A 1 83 ? 4.938   -4.084  0.648   1.00 35.48 ? 99   ILE A CG2  1 
ATOM   602 C  CD1  . ILE A 1 83 ? 4.376   -7.233  -0.500  1.00 32.68 ? 99   ILE A CD1  1 
ATOM   603 N  N    . TYR A 1 84 ? 8.195   -3.481  0.656   1.00 35.42 ? 100  TYR A N    1 
ATOM   604 C  CA   . TYR A 1 84 ? 8.810   -2.471  1.480   1.00 35.13 ? 100  TYR A CA   1 
ATOM   605 C  C    . TYR A 1 84 ? 9.428   -1.436  0.603   1.00 34.75 ? 100  TYR A C    1 
ATOM   606 O  O    . TYR A 1 84 ? 9.213   -0.251  0.822   1.00 35.24 ? 100  TYR A O    1 
ATOM   607 C  CB   . TYR A 1 84 ? 9.849   -3.074  2.450   1.00 35.36 ? 100  TYR A CB   1 
ATOM   608 C  CG   . TYR A 1 84 ? 9.274   -3.266  3.829   1.00 36.42 ? 100  TYR A CG   1 
ATOM   609 C  CD1  . TYR A 1 84 ? 9.903   -2.722  4.951   1.00 39.09 ? 100  TYR A CD1  1 
ATOM   610 C  CD2  . TYR A 1 84 ? 8.062   -3.933  4.020   1.00 37.69 ? 100  TYR A CD2  1 
ATOM   611 C  CE1  . TYR A 1 84 ? 9.369   -2.865  6.217   1.00 36.32 ? 100  TYR A CE1  1 
ATOM   612 C  CE2  . TYR A 1 84 ? 7.522   -4.084  5.287   1.00 37.75 ? 100  TYR A CE2  1 
ATOM   613 C  CZ   . TYR A 1 84 ? 8.189   -3.530  6.395   1.00 38.89 ? 100  TYR A CZ   1 
ATOM   614 O  OH   . TYR A 1 84 ? 7.678   -3.660  7.691   1.00 39.13 ? 100  TYR A OH   1 
ATOM   615 N  N    . THR A 1 85 ? 10.190  -1.864  -0.387  1.00 35.00 ? 101  THR A N    1 
ATOM   616 C  CA   . THR A 1 85 ? 10.752  -0.938  -1.346  1.00 35.53 ? 101  THR A CA   1 
ATOM   617 C  C    . THR A 1 85 ? 9.674   -0.031  -1.956  1.00 35.89 ? 101  THR A C    1 
ATOM   618 O  O    . THR A 1 85 ? 9.856   1.180   -2.075  1.00 35.10 ? 101  THR A O    1 
ATOM   619 C  CB   . THR A 1 85 ? 11.468  -1.669  -2.533  1.00 36.10 ? 101  THR A CB   1 
ATOM   620 O  OG1  . THR A 1 85 ? 12.741  -2.187  -2.107  1.00 36.81 ? 101  THR A OG1  1 
ATOM   621 C  CG2  . THR A 1 85 ? 11.685  -0.679  -3.724  1.00 34.44 ? 101  THR A CG2  1 
ATOM   622 N  N    . MET A 1 86 ? 8.559   -0.633  -2.361  1.00 36.60 ? 102  MET A N    1 
ATOM   623 C  CA   . MET A 1 86 ? 7.581   0.080   -3.188  1.00 36.94 ? 102  MET A CA   1 
ATOM   624 C  C    . MET A 1 86 ? 6.916   1.093   -2.299  1.00 37.45 ? 102  MET A C    1 
ATOM   625 O  O    . MET A 1 86 ? 6.751   2.248   -2.690  1.00 37.34 ? 102  MET A O    1 
ATOM   626 C  CB   . MET A 1 86 ? 6.555   -0.865  -3.811  1.00 36.70 ? 102  MET A CB   1 
ATOM   627 C  CG   . MET A 1 86 ? 7.135   -1.840  -4.865  1.00 36.23 ? 102  MET A CG   1 
ATOM   628 S  SD   . MET A 1 86 ? 5.848   -2.878  -5.669  1.00 36.72 ? 102  MET A SD   1 
ATOM   629 C  CE   . MET A 1 86 ? 5.682   -4.355  -4.661  1.00 35.97 ? 102  MET A CE   1 
ATOM   630 N  N    . ILE A 1 87 ? 6.578   0.664   -1.085  1.00 37.98 ? 103  ILE A N    1 
ATOM   631 C  CA   . ILE A 1 87 ? 6.046   1.586   -0.053  1.00 38.74 ? 103  ILE A CA   1 
ATOM   632 C  C    . ILE A 1 87 ? 6.990   2.776   0.234   1.00 39.86 ? 103  ILE A C    1 
ATOM   633 O  O    . ILE A 1 87 ? 6.577   3.909   0.228   1.00 38.55 ? 103  ILE A O    1 
ATOM   634 C  CB   . ILE A 1 87 ? 5.765   0.833   1.288   1.00 38.40 ? 103  ILE A CB   1 
ATOM   635 C  CG1  . ILE A 1 87 ? 4.525   -0.066  1.125   1.00 36.31 ? 103  ILE A CG1  1 
ATOM   636 C  CG2  . ILE A 1 87 ? 5.579   1.832   2.397   1.00 36.02 ? 103  ILE A CG2  1 
ATOM   637 C  CD1  . ILE A 1 87 ? 4.373   -1.108  2.129   1.00 32.18 ? 103  ILE A CD1  1 
ATOM   638 N  N    . TYR A 1 88 ? 8.273   2.513   0.419   1.00 42.36 ? 104  TYR A N    1 
ATOM   639 C  CA   . TYR A 1 88 ? 9.184   3.585   0.774   1.00 44.92 ? 104  TYR A CA   1 
ATOM   640 C  C    . TYR A 1 88 ? 9.396   4.578   -0.315  1.00 46.20 ? 104  TYR A C    1 
ATOM   641 O  O    . TYR A 1 88 ? 9.830   5.686   -0.040  1.00 46.69 ? 104  TYR A O    1 
ATOM   642 C  CB   . TYR A 1 88 ? 10.527  3.061   1.245   1.00 45.51 ? 104  TYR A CB   1 
ATOM   643 C  CG   . TYR A 1 88 ? 10.492  2.636   2.690   1.00 48.44 ? 104  TYR A CG   1 
ATOM   644 C  CD1  . TYR A 1 88 ? 10.281  3.574   3.697   1.00 51.73 ? 104  TYR A CD1  1 
ATOM   645 C  CD2  . TYR A 1 88 ? 10.673  1.320   3.049   1.00 50.80 ? 104  TYR A CD2  1 
ATOM   646 C  CE1  . TYR A 1 88 ? 10.256  3.215   5.016   1.00 52.71 ? 104  TYR A CE1  1 
ATOM   647 C  CE2  . TYR A 1 88 ? 10.666  0.945   4.366   1.00 53.39 ? 104  TYR A CE2  1 
ATOM   648 C  CZ   . TYR A 1 88 ? 10.448  1.899   5.358   1.00 53.92 ? 104  TYR A CZ   1 
ATOM   649 O  OH   . TYR A 1 88 ? 10.427  1.523   6.690   1.00 53.78 ? 104  TYR A OH   1 
ATOM   650 N  N    . ARG A 1 89 ? 9.089   4.215   -1.553  1.00 47.65 ? 105  ARG A N    1 
ATOM   651 C  CA   . ARG A 1 89 ? 9.165   5.205   -2.620  1.00 48.99 ? 105  ARG A CA   1 
ATOM   652 C  C    . ARG A 1 89 ? 8.104   6.271   -2.389  1.00 48.76 ? 105  ARG A C    1 
ATOM   653 O  O    . ARG A 1 89 ? 8.263   7.390   -2.841  1.00 49.43 ? 105  ARG A O    1 
ATOM   654 C  CB   . ARG A 1 89 ? 9.000   4.590   -4.024  1.00 49.79 ? 105  ARG A CB   1 
ATOM   655 C  CG   . ARG A 1 89 ? 10.094  3.608   -4.426  1.00 52.28 ? 105  ARG A CG   1 
ATOM   656 C  CD   . ARG A 1 89 ? 10.334  3.552   -5.957  1.00 55.89 ? 105  ARG A CD   1 
ATOM   657 N  NE   . ARG A 1 89 ? 10.493  2.169   -6.431  1.00 57.95 ? 105  ARG A NE   1 
ATOM   658 C  CZ   . ARG A 1 89 ? 9.484   1.362   -6.779  1.00 58.76 ? 105  ARG A CZ   1 
ATOM   659 N  NH1  . ARG A 1 89 ? 8.221   1.766   -6.734  1.00 58.32 ? 105  ARG A NH1  1 
ATOM   660 N  NH2  . ARG A 1 89 ? 9.744   0.128   -7.184  1.00 60.89 ? 105  ARG A NH2  1 
ATOM   661 N  N    . ASN A 1 90 ? 7.050   5.923   -1.671  1.00 48.41 ? 106  ASN A N    1 
ATOM   662 C  CA   . ASN A 1 90 ? 5.915   6.798   -1.472  1.00 48.85 ? 106  ASN A CA   1 
ATOM   663 C  C    . ASN A 1 90 ? 5.848   7.428   -0.067  1.00 49.31 ? 106  ASN A C    1 
ATOM   664 O  O    . ASN A 1 90 ? 4.792   7.873   0.396   1.00 48.43 ? 106  ASN A O    1 
ATOM   665 C  CB   . ASN A 1 90 ? 4.667   5.978   -1.759  1.00 49.02 ? 106  ASN A CB   1 
ATOM   666 C  CG   . ASN A 1 90 ? 4.646   5.473   -3.171  1.00 49.38 ? 106  ASN A CG   1 
ATOM   667 O  OD1  . ASN A 1 90 ? 4.155   6.158   -4.061  1.00 52.64 ? 106  ASN A OD1  1 
ATOM   668 N  ND2  . ASN A 1 90 ? 5.234   4.297   -3.407  1.00 49.05 ? 106  ASN A ND2  1 
ATOM   669 N  N    . LEU A 1 91 ? 7.007   7.474   0.580   1.00 50.30 ? 107  LEU A N    1 
ATOM   670 C  CA   . LEU A 1 91 ? 7.140   7.815   1.973   1.00 50.96 ? 107  LEU A CA   1 
ATOM   671 C  C    . LEU A 1 91 ? 8.268   8.836   2.172   1.00 51.94 ? 107  LEU A C    1 
ATOM   672 O  O    . LEU A 1 91 ? 9.097   9.039   1.294   1.00 51.96 ? 107  LEU A O    1 
ATOM   673 C  CB   . LEU A 1 91 ? 7.517   6.557   2.756   1.00 50.87 ? 107  LEU A CB   1 
ATOM   674 C  CG   . LEU A 1 91 ? 6.490   5.473   3.033   1.00 50.68 ? 107  LEU A CG   1 
ATOM   675 C  CD1  . LEU A 1 91 ? 7.164   4.371   3.830   1.00 49.77 ? 107  LEU A CD1  1 
ATOM   676 C  CD2  . LEU A 1 91 ? 5.277   6.019   3.781   1.00 50.71 ? 107  LEU A CD2  1 
ATOM   677 N  N    . VAL A 1 92 ? 8.288   9.455   3.354   1.00 53.41 ? 108  VAL A N    1 
ATOM   678 C  CA   . VAL A 1 92 ? 9.418   10.262  3.835   1.00 53.88 ? 108  VAL A CA   1 
ATOM   679 C  C    . VAL A 1 92 ? 9.590   9.998   5.337   1.00 54.67 ? 108  VAL A C    1 
ATOM   680 O  O    . VAL A 1 92 ? 8.737   10.401  6.125   1.00 55.20 ? 108  VAL A O    1 
ATOM   681 C  CB   . VAL A 1 92 ? 9.157   11.791  3.589   1.00 54.10 ? 108  VAL A CB   1 
ATOM   682 C  CG1  . VAL A 1 92 ? 10.349  12.633  4.029   1.00 53.67 ? 108  VAL A CG1  1 
ATOM   683 C  CG2  . VAL A 1 92 ? 8.809   12.053  2.125   1.00 53.11 ? 108  VAL A CG2  1 
ATOM   684 N  N    . VAL A 1 93 ? 10.683  9.340   5.739   1.00 55.44 ? 109  VAL A N    1 
ATOM   685 C  CA   . VAL A 1 93 ? 10.933  9.047   7.167   1.00 55.87 ? 109  VAL A CA   1 
ATOM   686 C  C    . VAL A 1 93 ? 11.159  10.306  7.991   1.00 56.54 ? 109  VAL A C    1 
ATOM   687 O  O    . VAL A 1 93 ? 12.159  10.981  7.815   1.00 56.67 ? 109  VAL A O    1 
ATOM   688 C  CB   . VAL A 1 93 ? 12.159  8.129   7.411   1.00 56.12 ? 109  VAL A CB   1 
ATOM   689 C  CG1  . VAL A 1 93 ? 12.181  7.668   8.878   1.00 55.31 ? 109  VAL A CG1  1 
ATOM   690 C  CG2  . VAL A 1 93 ? 12.146  6.904   6.469   1.00 55.91 ? 109  VAL A CG2  1 
ATOM   691 N  N    . VAL A 1 94 ? 10.234  10.606  8.905   1.00 57.50 ? 110  VAL A N    1 
ATOM   692 C  CA   . VAL A 1 94 ? 10.310  11.818  9.729   1.00 57.75 ? 110  VAL A CA   1 
ATOM   693 C  C    . VAL A 1 94 ? 11.646  11.875  10.438  1.00 57.74 ? 110  VAL A C    1 
ATOM   694 O  O    . VAL A 1 94 ? 12.017  10.908  11.106  1.00 58.50 ? 110  VAL A O    1 
ATOM   695 C  CB   . VAL A 1 94 ? 9.170   11.859  10.798  1.00 57.83 ? 110  VAL A CB   1 
HETATM 696 C  C1   . K23 B 2 .  ? 0.536   -4.734  1.488   1.00 27.24 ? 1    K23 A C1   1 
HETATM 697 CL CL2  . K23 B 2 .  ? 0.990   -3.454  0.426   1.00 27.99 ? 1    K23 A CL2  1 
HETATM 698 C  C3   . K23 B 2 .  ? 0.653   -6.053  1.158   1.00 25.59 ? 1    K23 A C3   1 
HETATM 699 C  C4   . K23 B 2 .  ? 0.274   -7.043  2.053   1.00 27.73 ? 1    K23 A C4   1 
HETATM 700 C  C5   . K23 B 2 .  ? -0.238  -6.694  3.297   1.00 32.73 ? 1    K23 A C5   1 
HETATM 701 C  C6   . K23 B 2 .  ? -0.341  -5.353  3.622   1.00 31.78 ? 1    K23 A C6   1 
HETATM 702 C  C7   . K23 B 2 .  ? 0.046   -4.376  2.729   1.00 30.70 ? 1    K23 A C7   1 
HETATM 703 N  N8   . K23 B 2 .  ? -0.844  -5.238  4.821   1.00 32.66 ? 1    K23 A N8   1 
HETATM 704 C  C9   . K23 B 2 .  ? -1.057  -6.451  5.322   1.00 36.54 ? 1    K23 A C9   1 
HETATM 705 C  C10  . K23 B 2 .  ? -1.659  -6.578  6.740   1.00 38.26 ? 1    K23 A C10  1 
HETATM 706 O  O11  . K23 B 2 .  ? -2.195  -5.550  7.192   1.00 43.48 ? 1    K23 A O11  1 
HETATM 707 O  O12  . K23 B 2 .  ? -1.638  -7.642  7.358   1.00 40.59 ? 1    K23 A O12  1 
HETATM 708 C  C13  . K23 B 2 .  ? -0.741  -7.405  4.376   1.00 33.83 ? 1    K23 A C13  1 
HETATM 709 C  C14  . K23 B 2 .  ? -0.755  -8.801  4.438   1.00 37.99 ? 1    K23 A C14  1 
HETATM 710 C  C15  . K23 B 2 .  ? -1.573  -9.722  3.758   1.00 39.15 ? 1    K23 A C15  1 
HETATM 711 C  C16  . K23 B 2 .  ? -2.638  -9.478  2.900   1.00 42.05 ? 1    K23 A C16  1 
HETATM 712 C  C17  . K23 B 2 .  ? -2.790  -10.269 1.775   1.00 45.36 ? 1    K23 A C17  1 
HETATM 713 C  C18  . K23 B 2 .  ? -3.849  -10.101 0.903   1.00 45.95 ? 1    K23 A C18  1 
HETATM 714 C  C19  . K23 B 2 .  ? -4.809  -9.144  1.176   1.00 47.27 ? 1    K23 A C19  1 
HETATM 715 C  C20  . K23 B 2 .  ? -4.678  -8.368  2.319   1.00 46.15 ? 1    K23 A C20  1 
HETATM 716 C  C21  . K23 B 2 .  ? -3.599  -8.540  3.176   1.00 42.78 ? 1    K23 A C21  1 
HETATM 717 N  N22  . K23 B 2 .  ? -1.185  -10.961 4.088   1.00 37.86 ? 1    K23 A N22  1 
HETATM 718 C  C23  . K23 B 2 .  ? -0.160  -10.858 4.933   1.00 39.86 ? 1    K23 A C23  1 
HETATM 719 N  N24  . K23 B 2 .  ? 0.104   -9.558  5.122   1.00 39.34 ? 1    K23 A N24  1 
HETATM 720 C  C25  . K23 B 2 .  ? 1.136   -9.036  6.006   1.00 36.27 ? 1    K23 A C25  1 
HETATM 721 C  C26  . K23 B 2 .  ? 2.275   -8.416  5.267   1.00 36.17 ? 1    K23 A C26  1 
HETATM 722 C  C27  . K23 B 2 .  ? 2.814   -7.248  5.763   1.00 35.43 ? 1    K23 A C27  1 
HETATM 723 C  C28  . K23 B 2 .  ? 3.866   -6.664  5.089   1.00 36.25 ? 1    K23 A C28  1 
HETATM 724 C  C29  . K23 B 2 .  ? 4.361   -7.239  3.953   1.00 38.02 ? 1    K23 A C29  1 
HETATM 725 CL CL30 . K23 B 2 .  ? 5.698   -6.500  3.192   1.00 41.87 ? 1    K23 A CL30 1 
HETATM 726 C  C31  . K23 B 2 .  ? 3.831   -8.419  3.443   1.00 37.79 ? 1    K23 A C31  1 
HETATM 727 C  C32  . K23 B 2 .  ? 2.767   -9.000  4.114   1.00 37.11 ? 1    K23 A C32  1 
HETATM 728 S  S    . SO4 C 3 .  ? 11.383  -11.384 0.609   1.00 56.79 ? 112  SO4 A S    1 
HETATM 729 O  O1   . SO4 C 3 .  ? 12.184  -10.551 1.509   1.00 56.48 ? 112  SO4 A O1   1 
HETATM 730 O  O2   . SO4 C 3 .  ? 10.199  -11.909 1.301   1.00 52.13 ? 112  SO4 A O2   1 
HETATM 731 O  O3   . SO4 C 3 .  ? 10.997  -10.571 -0.552  1.00 57.56 ? 112  SO4 A O3   1 
HETATM 732 O  O4   . SO4 C 3 .  ? 12.254  -12.460 0.204   1.00 54.30 ? 112  SO4 A O4   1 
HETATM 733 O  O    . HOH D 4 .  ? -4.569  -4.615  6.867   1.00 34.92 ? 4    HOH A O    1 
HETATM 734 O  O    . HOH D 4 .  ? 5.808   -15.637 -4.687  1.00 62.23 ? 5    HOH A O    1 
HETATM 735 O  O    . HOH D 4 .  ? 11.874  6.986   13.908  1.00 52.67 ? 7    HOH A O    1 
HETATM 736 O  O    . HOH D 4 .  ? -11.228 5.163   10.388  0.50 20.48 ? 8    HOH A O    1 
HETATM 737 O  O    . HOH D 4 .  ? 5.414   -7.677  -11.099 1.00 38.71 ? 9    HOH A O    1 
HETATM 738 O  O    . HOH D 4 .  ? 10.699  10.550  -5.219  1.00 56.68 ? 10   HOH A O    1 
HETATM 739 O  O    . HOH D 4 .  ? -14.011 -2.487  -5.183  1.00 44.96 ? 11   HOH A O    1 
HETATM 740 O  O    . HOH D 4 .  ? 11.596  12.504  -6.832  1.00 52.69 ? 12   HOH A O    1 
HETATM 741 O  O    . HOH D 4 .  ? 17.399  -7.789  0.131   1.00 37.33 ? 13   HOH A O    1 
HETATM 742 O  O    . HOH D 4 .  ? -4.318  15.163  9.292   1.00 62.27 ? 14   HOH A O    1 
HETATM 743 O  O    . HOH D 4 .  ? 11.767  11.619  14.508  0.50 35.40 ? 15   HOH A O    1 
HETATM 744 O  O    . HOH D 4 .  ? 9.476   -0.510  12.946  1.00 51.14 ? 16   HOH A O    1 
HETATM 745 O  O    . HOH D 4 .  ? -14.369 2.679   -6.839  1.00 54.41 ? 113  HOH A O    1 
HETATM 746 O  O    . HOH D 4 .  ? 13.100  11.072  4.978   1.00 58.76 ? 114  HOH A O    1 
HETATM 747 O  O    . HOH D 4 .  ? 3.429   -19.591 -1.198  1.00 58.33 ? 115  HOH A O    1 
HETATM 748 O  O    . HOH D 4 .  ? 0.146   11.815  17.056  1.00 53.79 ? 116  HOH A O    1 
HETATM 749 O  O    . HOH D 4 .  ? 18.275  -13.805 1.119   1.00 36.83 ? 1001 HOH A O    1 
HETATM 750 O  O    . HOH D 4 .  ? -10.875 0.485   6.552   1.00 44.92 ? 1002 HOH A O    1 
HETATM 751 O  O    . HOH D 4 .  ? 19.102  -12.362 -0.225  1.00 37.31 ? 1003 HOH A O    1 
HETATM 752 O  O    . HOH D 4 .  ? -4.455  -9.198  6.446   1.00 49.39 ? 1007 HOH A O    1 
# 
loop_
_pdbx_poly_seq_scheme.asym_id 
_pdbx_poly_seq_scheme.entity_id 
_pdbx_poly_seq_scheme.seq_id 
_pdbx_poly_seq_scheme.mon_id 
_pdbx_poly_seq_scheme.ndb_seq_num 
_pdbx_poly_seq_scheme.pdb_seq_num 
_pdbx_poly_seq_scheme.auth_seq_num 
_pdbx_poly_seq_scheme.pdb_mon_id 
_pdbx_poly_seq_scheme.auth_mon_id 
_pdbx_poly_seq_scheme.pdb_strand_id 
_pdbx_poly_seq_scheme.pdb_ins_code 
_pdbx_poly_seq_scheme.hetero 
A 1 1  MET 1  17  ?   ?   ?   A . n 
A 1 2  GLN 2  18  ?   ?   ?   A . n 
A 1 3  ILE 3  19  ?   ?   ?   A . n 
A 1 4  PRO 4  20  ?   ?   ?   A . n 
A 1 5  ALA 5  21  ?   ?   ?   A . n 
A 1 6  SER 6  22  ?   ?   ?   A . n 
A 1 7  GLU 7  23  ?   ?   ?   A . n 
A 1 8  GLN 8  24  ?   ?   ?   A . n 
A 1 9  GLU 9  25  ?   ?   ?   A . n 
A 1 10 THR 10 26  26  THR THR A . n 
A 1 11 LEU 11 27  27  LEU LEU A . n 
A 1 12 VAL 12 28  28  VAL VAL A . n 
A 1 13 ARG 13 29  29  ARG ARG A . n 
A 1 14 PRO 14 30  30  PRO PRO A . n 
A 1 15 LYS 15 31  31  LYS LYS A . n 
A 1 16 PRO 16 32  32  PRO PRO A . n 
A 1 17 GLU 17 33  33  GLU GLU A . n 
A 1 18 LEU 18 34  34  LEU LEU A . n 
A 1 19 LEU 19 35  35  LEU LEU A . n 
A 1 20 LYS 20 36  36  LYS LYS A . n 
A 1 21 LEU 21 37  37  LEU LEU A . n 
A 1 22 LEU 22 38  38  LEU LEU A . n 
A 1 23 LYS 23 39  39  LYS LYS A . n 
A 1 24 SER 24 40  40  SER SER A . n 
A 1 25 VAL 25 41  41  VAL VAL A . n 
A 1 26 GLY 26 42  42  GLY GLY A . n 
A 1 27 ALA 27 43  43  ALA ALA A . n 
A 1 28 GLN 28 44  44  GLN GLN A . n 
A 1 29 LYS 29 45  45  LYS LYS A . n 
A 1 30 ASP 30 46  46  ASP ASP A . n 
A 1 31 THR 31 47  47  THR THR A . n 
A 1 32 TYR 32 48  48  TYR TYR A . n 
A 1 33 THR 33 49  49  THR THR A . n 
A 1 34 MET 34 50  50  MET MET A . n 
A 1 35 LYS 35 51  51  LYS LYS A . n 
A 1 36 GLU 36 52  52  GLU GLU A . n 
A 1 37 VAL 37 53  53  VAL VAL A . n 
A 1 38 LEU 38 54  54  LEU LEU A . n 
A 1 39 PHE 39 55  55  PHE PHE A . n 
A 1 40 TYR 40 56  56  TYR TYR A . n 
A 1 41 LEU 41 57  57  LEU LEU A . n 
A 1 42 GLY 42 58  58  GLY GLY A . n 
A 1 43 GLN 43 59  59  GLN GLN A . n 
A 1 44 TYR 44 60  60  TYR TYR A . n 
A 1 45 ILE 45 61  61  ILE ILE A . n 
A 1 46 MET 46 62  62  MET MET A . n 
A 1 47 THR 47 63  63  THR THR A . n 
A 1 48 LYS 48 64  64  LYS LYS A . n 
A 1 49 ARG 49 65  65  ARG ARG A . n 
A 1 50 LEU 50 66  66  LEU LEU A . n 
A 1 51 TYR 51 67  67  TYR TYR A . n 
A 1 52 ASP 52 68  68  ASP ASP A . n 
A 1 53 GLU 53 69  69  GLU GLU A . n 
A 1 54 LYS 54 70  70  LYS LYS A . n 
A 1 55 GLN 55 71  71  GLN GLN A . n 
A 1 56 GLN 56 72  72  GLN GLN A . n 
A 1 57 HIS 57 73  73  HIS HIS A . n 
A 1 58 ILE 58 74  74  ILE ILE A . n 
A 1 59 VAL 59 75  75  VAL VAL A . n 
A 1 60 TYR 60 76  76  TYR TYR A . n 
A 1 61 CYS 61 77  77  CYS CYS A . n 
A 1 62 SER 62 78  78  SER SER A . n 
A 1 63 ASN 63 79  79  ASN ASN A . n 
A 1 64 ASP 64 80  80  ASP ASP A . n 
A 1 65 LEU 65 81  81  LEU LEU A . n 
A 1 66 LEU 66 82  82  LEU LEU A . n 
A 1 67 GLY 67 83  83  GLY GLY A . n 
A 1 68 ASP 68 84  84  ASP ASP A . n 
A 1 69 LEU 69 85  85  LEU LEU A . n 
A 1 70 PHE 70 86  86  PHE PHE A . n 
A 1 71 GLY 71 87  87  GLY GLY A . n 
A 1 72 VAL 72 88  88  VAL VAL A . n 
A 1 73 PRO 73 89  89  PRO PRO A . n 
A 1 74 SER 74 90  90  SER SER A . n 
A 1 75 PHE 75 91  91  PHE PHE A . n 
A 1 76 SER 76 92  92  SER SER A . n 
A 1 77 VAL 77 93  93  VAL VAL A . n 
A 1 78 LYS 78 94  94  LYS LYS A . n 
A 1 79 GLU 79 95  95  GLU GLU A . n 
A 1 80 HIS 80 96  96  HIS HIS A . n 
A 1 81 ARG 81 97  97  ARG ARG A . n 
A 1 82 LYS 82 98  98  LYS LYS A . n 
A 1 83 ILE 83 99  99  ILE ILE A . n 
A 1 84 TYR 84 100 100 TYR TYR A . n 
A 1 85 THR 85 101 101 THR THR A . n 
A 1 86 MET 86 102 102 MET MET A . n 
A 1 87 ILE 87 103 103 ILE ILE A . n 
A 1 88 TYR 88 104 104 TYR TYR A . n 
A 1 89 ARG 89 105 105 ARG ARG A . n 
A 1 90 ASN 90 106 106 ASN ASN A . n 
A 1 91 LEU 91 107 107 LEU LEU A . n 
A 1 92 VAL 92 108 108 VAL VAL A . n 
A 1 93 VAL 93 109 109 VAL VAL A . n 
A 1 94 VAL 94 110 110 VAL VAL A . n 
A 1 95 ASN 95 111 ?   ?   ?   A . n 
# 
loop_
_pdbx_nonpoly_scheme.asym_id 
_pdbx_nonpoly_scheme.entity_id 
_pdbx_nonpoly_scheme.mon_id 
_pdbx_nonpoly_scheme.ndb_seq_num 
_pdbx_nonpoly_scheme.pdb_seq_num 
_pdbx_nonpoly_scheme.auth_seq_num 
_pdbx_nonpoly_scheme.pdb_mon_id 
_pdbx_nonpoly_scheme.auth_mon_id 
_pdbx_nonpoly_scheme.pdb_strand_id 
_pdbx_nonpoly_scheme.pdb_ins_code 
B 2 K23 1  1    1    K23 K23 A . 
C 3 SO4 1  112  1    SO4 SO4 A . 
D 4 HOH 1  4    4    HOH HOH A . 
D 4 HOH 2  5    5    HOH HOH A . 
D 4 HOH 3  7    7    HOH HOH A . 
D 4 HOH 4  8    8    HOH HOH A . 
D 4 HOH 5  9    9    HOH HOH A . 
D 4 HOH 6  10   10   HOH HOH A . 
D 4 HOH 7  11   11   HOH HOH A . 
D 4 HOH 8  12   12   HOH HOH A . 
D 4 HOH 9  13   13   HOH HOH A . 
D 4 HOH 10 14   14   HOH HOH A . 
D 4 HOH 11 15   15   HOH HOH A . 
D 4 HOH 12 16   16   HOH HOH A . 
D 4 HOH 13 113  18   HOH HOH A . 
D 4 HOH 14 114  19   HOH HOH A . 
D 4 HOH 15 115  20   HOH HOH A . 
D 4 HOH 16 116  22   HOH HOH A . 
D 4 HOH 17 1001 1001 HOH HOH A . 
D 4 HOH 18 1002 24   HOH HOH A . 
D 4 HOH 19 1003 1003 HOH HOH A . 
D 4 HOH 20 1007 1007 HOH HOH A . 
# 
loop_
_pdbx_struct_assembly.id 
_pdbx_struct_assembly.details 
_pdbx_struct_assembly.method_details 
_pdbx_struct_assembly.oligomeric_details 
_pdbx_struct_assembly.oligomeric_count 
1 author_defined_assembly   ?    monomeric 1 
2 software_defined_assembly PISA dimeric   2 
# 
loop_
_pdbx_struct_assembly_gen.assembly_id 
_pdbx_struct_assembly_gen.oper_expression 
_pdbx_struct_assembly_gen.asym_id_list 
1 1   A,B,C,D 
2 1,2 A,B,C,D 
# 
loop_
_pdbx_struct_assembly_prop.biol_id 
_pdbx_struct_assembly_prop.type 
_pdbx_struct_assembly_prop.value 
_pdbx_struct_assembly_prop.details 
2 'ABSA (A^2)' 1110 ? 
2 MORE         -9   ? 
2 'SSA (A^2)'  9290 ? 
# 
loop_
_pdbx_struct_oper_list.id 
_pdbx_struct_oper_list.type 
_pdbx_struct_oper_list.name 
_pdbx_struct_oper_list.symmetry_operation 
_pdbx_struct_oper_list.matrix[1][1] 
_pdbx_struct_oper_list.matrix[1][2] 
_pdbx_struct_oper_list.matrix[1][3] 
_pdbx_struct_oper_list.vector[1] 
_pdbx_struct_oper_list.matrix[2][1] 
_pdbx_struct_oper_list.matrix[2][2] 
_pdbx_struct_oper_list.matrix[2][3] 
_pdbx_struct_oper_list.vector[2] 
_pdbx_struct_oper_list.matrix[3][1] 
_pdbx_struct_oper_list.matrix[3][2] 
_pdbx_struct_oper_list.matrix[3][3] 
_pdbx_struct_oper_list.vector[3] 
1 'identity operation'         1_555 x,y,z     1.0000000000  0.0000000000 0.0000000000  0.0000000000  0.0000000000 1.0000000000 0.0000000000  0.0000000000  0.0000000000  0.0000000000  1.0000000000  0.0000000000 
2 'crystal symmetry operation' 5_655 -x+1,y,-z -0.9864148149 0.1636362628 -0.0144563654 24.1073357286 0.1636362628 0.9710314029 -0.1741298023 -1.4352311492 -0.0144563654 -0.1741298023 -0.9846165881 6.4087171997 
# 
loop_
_pdbx_audit_revision_history.ordinal 
_pdbx_audit_revision_history.data_content_type 
_pdbx_audit_revision_history.major_revision 
_pdbx_audit_revision_history.minor_revision 
_pdbx_audit_revision_history.revision_date 
1 'Structure model' 1 0 2010-03-16 
2 'Structure model' 1 1 2011-07-13 
3 'Structure model' 1 2 2017-11-01 
4 'Structure model' 1 3 2018-10-17 
5 'Structure model' 1 4 2021-11-10 
6 'Structure model' 1 5 2023-11-01 
# 
_pdbx_audit_revision_details.ordinal             1 
_pdbx_audit_revision_details.revision_ordinal    1 
_pdbx_audit_revision_details.data_content_type   'Structure model' 
_pdbx_audit_revision_details.provider            repository 
_pdbx_audit_revision_details.type                'Initial release' 
_pdbx_audit_revision_details.description         ? 
_pdbx_audit_revision_details.details             ? 
# 
loop_
_pdbx_audit_revision_group.ordinal 
_pdbx_audit_revision_group.revision_ordinal 
_pdbx_audit_revision_group.data_content_type 
_pdbx_audit_revision_group.group 
1 2 'Structure model' 'Version format compliance' 
2 3 'Structure model' 'Refinement description'    
3 4 'Structure model' 'Data collection'           
4 4 'Structure model' 'Database references'       
5 5 'Structure model' 'Database references'       
6 5 'Structure model' 'Derived calculations'      
7 6 'Structure model' 'Data collection'           
8 6 'Structure model' 'Refinement description'    
# 
loop_
_pdbx_audit_revision_category.ordinal 
_pdbx_audit_revision_category.revision_ordinal 
_pdbx_audit_revision_category.data_content_type 
_pdbx_audit_revision_category.category 
1 3 'Structure model' software                      
2 4 'Structure model' citation                      
3 5 'Structure model' database_2                    
4 5 'Structure model' struct_ref_seq_dif            
5 5 'Structure model' struct_site                   
6 6 'Structure model' chem_comp_atom                
7 6 'Structure model' chem_comp_bond                
8 6 'Structure model' pdbx_initial_refinement_model 
# 
loop_
_pdbx_audit_revision_item.ordinal 
_pdbx_audit_revision_item.revision_ordinal 
_pdbx_audit_revision_item.data_content_type 
_pdbx_audit_revision_item.item 
1  3 'Structure model' '_software.name'                      
2  4 'Structure model' '_citation.page_first'                
3  4 'Structure model' '_citation.page_last'                 
4  4 'Structure model' '_citation.pdbx_database_id_DOI'      
5  4 'Structure model' '_citation.pdbx_database_id_PubMed'   
6  5 'Structure model' '_database_2.pdbx_DOI'                
7  5 'Structure model' '_database_2.pdbx_database_accession' 
8  5 'Structure model' '_struct_ref_seq_dif.details'         
9  5 'Structure model' '_struct_site.pdbx_auth_asym_id'      
10 5 'Structure model' '_struct_site.pdbx_auth_comp_id'      
11 5 'Structure model' '_struct_site.pdbx_auth_seq_id'       
# 
loop_
_software.name 
_software.classification 
_software.version 
_software.citation_id 
_software.pdbx_ordinal 
MAR345 'data collection' .        ? 1 
MOLREP phasing           .        ? 2 
REFMAC refinement        5.5.0072 ? 3 
MOSFLM 'data reduction'  .        ? 4 
SCALA  'data scaling'    .        ? 5 
# 
_pdbx_validate_close_contact.id               1 
_pdbx_validate_close_contact.PDB_model_num    1 
_pdbx_validate_close_contact.auth_atom_id_1   O 
_pdbx_validate_close_contact.auth_asym_id_1   A 
_pdbx_validate_close_contact.auth_comp_id_1   HOH 
_pdbx_validate_close_contact.auth_seq_id_1    1001 
_pdbx_validate_close_contact.PDB_ins_code_1   ? 
_pdbx_validate_close_contact.label_alt_id_1   ? 
_pdbx_validate_close_contact.auth_atom_id_2   O 
_pdbx_validate_close_contact.auth_asym_id_2   A 
_pdbx_validate_close_contact.auth_comp_id_2   HOH 
_pdbx_validate_close_contact.auth_seq_id_2    1003 
_pdbx_validate_close_contact.PDB_ins_code_2   ? 
_pdbx_validate_close_contact.label_alt_id_2   ? 
_pdbx_validate_close_contact.dist             2.14 
# 
loop_
_pdbx_validate_torsion.id 
_pdbx_validate_torsion.PDB_model_num 
_pdbx_validate_torsion.auth_comp_id 
_pdbx_validate_torsion.auth_asym_id 
_pdbx_validate_torsion.auth_seq_id 
_pdbx_validate_torsion.PDB_ins_code 
_pdbx_validate_torsion.label_alt_id 
_pdbx_validate_torsion.phi 
_pdbx_validate_torsion.psi 
1 1 GLN A 72 ? ? 78.63   -26.09 
2 1 HIS A 73 ? ? -141.96 38.51  
# 
loop_
_pdbx_unobs_or_zero_occ_atoms.id 
_pdbx_unobs_or_zero_occ_atoms.PDB_model_num 
_pdbx_unobs_or_zero_occ_atoms.polymer_flag 
_pdbx_unobs_or_zero_occ_atoms.occupancy_flag 
_pdbx_unobs_or_zero_occ_atoms.auth_asym_id 
_pdbx_unobs_or_zero_occ_atoms.auth_comp_id 
_pdbx_unobs_or_zero_occ_atoms.auth_seq_id 
_pdbx_unobs_or_zero_occ_atoms.PDB_ins_code 
_pdbx_unobs_or_zero_occ_atoms.auth_atom_id 
_pdbx_unobs_or_zero_occ_atoms.label_alt_id 
_pdbx_unobs_or_zero_occ_atoms.label_asym_id 
_pdbx_unobs_or_zero_occ_atoms.label_comp_id 
_pdbx_unobs_or_zero_occ_atoms.label_seq_id 
_pdbx_unobs_or_zero_occ_atoms.label_atom_id 
1 1 Y 1 A GLN 44  ? CG  ? A GLN 28 CG  
2 1 Y 1 A GLN 44  ? CD  ? A GLN 28 CD  
3 1 Y 1 A GLN 44  ? OE1 ? A GLN 28 OE1 
4 1 Y 1 A GLN 44  ? NE2 ? A GLN 28 NE2 
5 1 Y 1 A GLN 72  ? CD  ? A GLN 56 CD  
6 1 Y 1 A GLN 72  ? OE1 ? A GLN 56 OE1 
7 1 Y 1 A GLN 72  ? NE2 ? A GLN 56 NE2 
8 1 Y 1 A VAL 110 ? CG1 ? A VAL 94 CG1 
9 1 Y 1 A VAL 110 ? CG2 ? A VAL 94 CG2 
# 
loop_
_pdbx_unobs_or_zero_occ_residues.id 
_pdbx_unobs_or_zero_occ_residues.PDB_model_num 
_pdbx_unobs_or_zero_occ_residues.polymer_flag 
_pdbx_unobs_or_zero_occ_residues.occupancy_flag 
_pdbx_unobs_or_zero_occ_residues.auth_asym_id 
_pdbx_unobs_or_zero_occ_residues.auth_comp_id 
_pdbx_unobs_or_zero_occ_residues.auth_seq_id 
_pdbx_unobs_or_zero_occ_residues.PDB_ins_code 
_pdbx_unobs_or_zero_occ_residues.label_asym_id 
_pdbx_unobs_or_zero_occ_residues.label_comp_id 
_pdbx_unobs_or_zero_occ_residues.label_seq_id 
1  1 Y 1 A MET 17  ? A MET 1  
2  1 Y 1 A GLN 18  ? A GLN 2  
3  1 Y 1 A ILE 19  ? A ILE 3  
4  1 Y 1 A PRO 20  ? A PRO 4  
5  1 Y 1 A ALA 21  ? A ALA 5  
6  1 Y 1 A SER 22  ? A SER 6  
7  1 Y 1 A GLU 23  ? A GLU 7  
8  1 Y 1 A GLN 24  ? A GLN 8  
9  1 Y 1 A GLU 25  ? A GLU 9  
10 1 Y 1 A ASN 111 ? A ASN 95 
# 
loop_
_chem_comp_atom.comp_id 
_chem_comp_atom.atom_id 
_chem_comp_atom.type_symbol 
_chem_comp_atom.pdbx_aromatic_flag 
_chem_comp_atom.pdbx_stereo_config 
_chem_comp_atom.pdbx_ordinal 
ALA N    N  N N 1   
ALA CA   C  N S 2   
ALA C    C  N N 3   
ALA O    O  N N 4   
ALA CB   C  N N 5   
ALA OXT  O  N N 6   
ALA H    H  N N 7   
ALA H2   H  N N 8   
ALA HA   H  N N 9   
ALA HB1  H  N N 10  
ALA HB2  H  N N 11  
ALA HB3  H  N N 12  
ALA HXT  H  N N 13  
ARG N    N  N N 14  
ARG CA   C  N S 15  
ARG C    C  N N 16  
ARG O    O  N N 17  
ARG CB   C  N N 18  
ARG CG   C  N N 19  
ARG CD   C  N N 20  
ARG NE   N  N N 21  
ARG CZ   C  N N 22  
ARG NH1  N  N N 23  
ARG NH2  N  N N 24  
ARG OXT  O  N N 25  
ARG H    H  N N 26  
ARG H2   H  N N 27  
ARG HA   H  N N 28  
ARG HB2  H  N N 29  
ARG HB3  H  N N 30  
ARG HG2  H  N N 31  
ARG HG3  H  N N 32  
ARG HD2  H  N N 33  
ARG HD3  H  N N 34  
ARG HE   H  N N 35  
ARG HH11 H  N N 36  
ARG HH12 H  N N 37  
ARG HH21 H  N N 38  
ARG HH22 H  N N 39  
ARG HXT  H  N N 40  
ASN N    N  N N 41  
ASN CA   C  N S 42  
ASN C    C  N N 43  
ASN O    O  N N 44  
ASN CB   C  N N 45  
ASN CG   C  N N 46  
ASN OD1  O  N N 47  
ASN ND2  N  N N 48  
ASN OXT  O  N N 49  
ASN H    H  N N 50  
ASN H2   H  N N 51  
ASN HA   H  N N 52  
ASN HB2  H  N N 53  
ASN HB3  H  N N 54  
ASN HD21 H  N N 55  
ASN HD22 H  N N 56  
ASN HXT  H  N N 57  
ASP N    N  N N 58  
ASP CA   C  N S 59  
ASP C    C  N N 60  
ASP O    O  N N 61  
ASP CB   C  N N 62  
ASP CG   C  N N 63  
ASP OD1  O  N N 64  
ASP OD2  O  N N 65  
ASP OXT  O  N N 66  
ASP H    H  N N 67  
ASP H2   H  N N 68  
ASP HA   H  N N 69  
ASP HB2  H  N N 70  
ASP HB3  H  N N 71  
ASP HD2  H  N N 72  
ASP HXT  H  N N 73  
CYS N    N  N N 74  
CYS CA   C  N R 75  
CYS C    C  N N 76  
CYS O    O  N N 77  
CYS CB   C  N N 78  
CYS SG   S  N N 79  
CYS OXT  O  N N 80  
CYS H    H  N N 81  
CYS H2   H  N N 82  
CYS HA   H  N N 83  
CYS HB2  H  N N 84  
CYS HB3  H  N N 85  
CYS HG   H  N N 86  
CYS HXT  H  N N 87  
GLN N    N  N N 88  
GLN CA   C  N S 89  
GLN C    C  N N 90  
GLN O    O  N N 91  
GLN CB   C  N N 92  
GLN CG   C  N N 93  
GLN CD   C  N N 94  
GLN OE1  O  N N 95  
GLN NE2  N  N N 96  
GLN OXT  O  N N 97  
GLN H    H  N N 98  
GLN H2   H  N N 99  
GLN HA   H  N N 100 
GLN HB2  H  N N 101 
GLN HB3  H  N N 102 
GLN HG2  H  N N 103 
GLN HG3  H  N N 104 
GLN HE21 H  N N 105 
GLN HE22 H  N N 106 
GLN HXT  H  N N 107 
GLU N    N  N N 108 
GLU CA   C  N S 109 
GLU C    C  N N 110 
GLU O    O  N N 111 
GLU CB   C  N N 112 
GLU CG   C  N N 113 
GLU CD   C  N N 114 
GLU OE1  O  N N 115 
GLU OE2  O  N N 116 
GLU OXT  O  N N 117 
GLU H    H  N N 118 
GLU H2   H  N N 119 
GLU HA   H  N N 120 
GLU HB2  H  N N 121 
GLU HB3  H  N N 122 
GLU HG2  H  N N 123 
GLU HG3  H  N N 124 
GLU HE2  H  N N 125 
GLU HXT  H  N N 126 
GLY N    N  N N 127 
GLY CA   C  N N 128 
GLY C    C  N N 129 
GLY O    O  N N 130 
GLY OXT  O  N N 131 
GLY H    H  N N 132 
GLY H2   H  N N 133 
GLY HA2  H  N N 134 
GLY HA3  H  N N 135 
GLY HXT  H  N N 136 
HIS N    N  N N 137 
HIS CA   C  N S 138 
HIS C    C  N N 139 
HIS O    O  N N 140 
HIS CB   C  N N 141 
HIS CG   C  Y N 142 
HIS ND1  N  Y N 143 
HIS CD2  C  Y N 144 
HIS CE1  C  Y N 145 
HIS NE2  N  Y N 146 
HIS OXT  O  N N 147 
HIS H    H  N N 148 
HIS H2   H  N N 149 
HIS HA   H  N N 150 
HIS HB2  H  N N 151 
HIS HB3  H  N N 152 
HIS HD1  H  N N 153 
HIS HD2  H  N N 154 
HIS HE1  H  N N 155 
HIS HE2  H  N N 156 
HIS HXT  H  N N 157 
HOH O    O  N N 158 
HOH H1   H  N N 159 
HOH H2   H  N N 160 
ILE N    N  N N 161 
ILE CA   C  N S 162 
ILE C    C  N N 163 
ILE O    O  N N 164 
ILE CB   C  N S 165 
ILE CG1  C  N N 166 
ILE CG2  C  N N 167 
ILE CD1  C  N N 168 
ILE OXT  O  N N 169 
ILE H    H  N N 170 
ILE H2   H  N N 171 
ILE HA   H  N N 172 
ILE HB   H  N N 173 
ILE HG12 H  N N 174 
ILE HG13 H  N N 175 
ILE HG21 H  N N 176 
ILE HG22 H  N N 177 
ILE HG23 H  N N 178 
ILE HD11 H  N N 179 
ILE HD12 H  N N 180 
ILE HD13 H  N N 181 
ILE HXT  H  N N 182 
K23 C1   C  Y N 183 
K23 CL2  CL N N 184 
K23 C3   C  Y N 185 
K23 C4   C  Y N 186 
K23 C5   C  Y N 187 
K23 C6   C  Y N 188 
K23 C7   C  Y N 189 
K23 N8   N  Y N 190 
K23 C9   C  Y N 191 
K23 C10  C  N N 192 
K23 O11  O  N N 193 
K23 O12  O  N N 194 
K23 C13  C  Y N 195 
K23 C14  C  Y N 196 
K23 C15  C  Y N 197 
K23 C16  C  Y N 198 
K23 C17  C  Y N 199 
K23 C18  C  Y N 200 
K23 C19  C  Y N 201 
K23 C20  C  Y N 202 
K23 C21  C  Y N 203 
K23 N22  N  Y N 204 
K23 C23  C  Y N 205 
K23 N24  N  Y N 206 
K23 C25  C  N N 207 
K23 C26  C  Y N 208 
K23 C27  C  Y N 209 
K23 C28  C  Y N 210 
K23 C29  C  Y N 211 
K23 CL30 CL N N 212 
K23 C31  C  Y N 213 
K23 C32  C  Y N 214 
K23 H3   H  N N 215 
K23 H4   H  N N 216 
K23 H7   H  N N 217 
K23 HN8  H  N N 218 
K23 HO11 H  N N 219 
K23 H17  H  N N 220 
K23 H18  H  N N 221 
K23 H19  H  N N 222 
K23 H20  H  N N 223 
K23 H21  H  N N 224 
K23 H23  H  N N 225 
K23 H25  H  N N 226 
K23 H25A H  N N 227 
K23 H27  H  N N 228 
K23 H28  H  N N 229 
K23 H31  H  N N 230 
K23 H32  H  N N 231 
LEU N    N  N N 232 
LEU CA   C  N S 233 
LEU C    C  N N 234 
LEU O    O  N N 235 
LEU CB   C  N N 236 
LEU CG   C  N N 237 
LEU CD1  C  N N 238 
LEU CD2  C  N N 239 
LEU OXT  O  N N 240 
LEU H    H  N N 241 
LEU H2   H  N N 242 
LEU HA   H  N N 243 
LEU HB2  H  N N 244 
LEU HB3  H  N N 245 
LEU HG   H  N N 246 
LEU HD11 H  N N 247 
LEU HD12 H  N N 248 
LEU HD13 H  N N 249 
LEU HD21 H  N N 250 
LEU HD22 H  N N 251 
LEU HD23 H  N N 252 
LEU HXT  H  N N 253 
LYS N    N  N N 254 
LYS CA   C  N S 255 
LYS C    C  N N 256 
LYS O    O  N N 257 
LYS CB   C  N N 258 
LYS CG   C  N N 259 
LYS CD   C  N N 260 
LYS CE   C  N N 261 
LYS NZ   N  N N 262 
LYS OXT  O  N N 263 
LYS H    H  N N 264 
LYS H2   H  N N 265 
LYS HA   H  N N 266 
LYS HB2  H  N N 267 
LYS HB3  H  N N 268 
LYS HG2  H  N N 269 
LYS HG3  H  N N 270 
LYS HD2  H  N N 271 
LYS HD3  H  N N 272 
LYS HE2  H  N N 273 
LYS HE3  H  N N 274 
LYS HZ1  H  N N 275 
LYS HZ2  H  N N 276 
LYS HZ3  H  N N 277 
LYS HXT  H  N N 278 
MET N    N  N N 279 
MET CA   C  N S 280 
MET C    C  N N 281 
MET O    O  N N 282 
MET CB   C  N N 283 
MET CG   C  N N 284 
MET SD   S  N N 285 
MET CE   C  N N 286 
MET OXT  O  N N 287 
MET H    H  N N 288 
MET H2   H  N N 289 
MET HA   H  N N 290 
MET HB2  H  N N 291 
MET HB3  H  N N 292 
MET HG2  H  N N 293 
MET HG3  H  N N 294 
MET HE1  H  N N 295 
MET HE2  H  N N 296 
MET HE3  H  N N 297 
MET HXT  H  N N 298 
PHE N    N  N N 299 
PHE CA   C  N S 300 
PHE C    C  N N 301 
PHE O    O  N N 302 
PHE CB   C  N N 303 
PHE CG   C  Y N 304 
PHE CD1  C  Y N 305 
PHE CD2  C  Y N 306 
PHE CE1  C  Y N 307 
PHE CE2  C  Y N 308 
PHE CZ   C  Y N 309 
PHE OXT  O  N N 310 
PHE H    H  N N 311 
PHE H2   H  N N 312 
PHE HA   H  N N 313 
PHE HB2  H  N N 314 
PHE HB3  H  N N 315 
PHE HD1  H  N N 316 
PHE HD2  H  N N 317 
PHE HE1  H  N N 318 
PHE HE2  H  N N 319 
PHE HZ   H  N N 320 
PHE HXT  H  N N 321 
PRO N    N  N N 322 
PRO CA   C  N S 323 
PRO C    C  N N 324 
PRO O    O  N N 325 
PRO CB   C  N N 326 
PRO CG   C  N N 327 
PRO CD   C  N N 328 
PRO OXT  O  N N 329 
PRO H    H  N N 330 
PRO HA   H  N N 331 
PRO HB2  H  N N 332 
PRO HB3  H  N N 333 
PRO HG2  H  N N 334 
PRO HG3  H  N N 335 
PRO HD2  H  N N 336 
PRO HD3  H  N N 337 
PRO HXT  H  N N 338 
SER N    N  N N 339 
SER CA   C  N S 340 
SER C    C  N N 341 
SER O    O  N N 342 
SER CB   C  N N 343 
SER OG   O  N N 344 
SER OXT  O  N N 345 
SER H    H  N N 346 
SER H2   H  N N 347 
SER HA   H  N N 348 
SER HB2  H  N N 349 
SER HB3  H  N N 350 
SER HG   H  N N 351 
SER HXT  H  N N 352 
SO4 S    S  N N 353 
SO4 O1   O  N N 354 
SO4 O2   O  N N 355 
SO4 O3   O  N N 356 
SO4 O4   O  N N 357 
THR N    N  N N 358 
THR CA   C  N S 359 
THR C    C  N N 360 
THR O    O  N N 361 
THR CB   C  N R 362 
THR OG1  O  N N 363 
THR CG2  C  N N 364 
THR OXT  O  N N 365 
THR H    H  N N 366 
THR H2   H  N N 367 
THR HA   H  N N 368 
THR HB   H  N N 369 
THR HG1  H  N N 370 
THR HG21 H  N N 371 
THR HG22 H  N N 372 
THR HG23 H  N N 373 
THR HXT  H  N N 374 
TYR N    N  N N 375 
TYR CA   C  N S 376 
TYR C    C  N N 377 
TYR O    O  N N 378 
TYR CB   C  N N 379 
TYR CG   C  Y N 380 
TYR CD1  C  Y N 381 
TYR CD2  C  Y N 382 
TYR CE1  C  Y N 383 
TYR CE2  C  Y N 384 
TYR CZ   C  Y N 385 
TYR OH   O  N N 386 
TYR OXT  O  N N 387 
TYR H    H  N N 388 
TYR H2   H  N N 389 
TYR HA   H  N N 390 
TYR HB2  H  N N 391 
TYR HB3  H  N N 392 
TYR HD1  H  N N 393 
TYR HD2  H  N N 394 
TYR HE1  H  N N 395 
TYR HE2  H  N N 396 
TYR HH   H  N N 397 
TYR HXT  H  N N 398 
VAL N    N  N N 399 
VAL CA   C  N S 400 
VAL C    C  N N 401 
VAL O    O  N N 402 
VAL CB   C  N N 403 
VAL CG1  C  N N 404 
VAL CG2  C  N N 405 
VAL OXT  O  N N 406 
VAL H    H  N N 407 
VAL H2   H  N N 408 
VAL HA   H  N N 409 
VAL HB   H  N N 410 
VAL HG11 H  N N 411 
VAL HG12 H  N N 412 
VAL HG13 H  N N 413 
VAL HG21 H  N N 414 
VAL HG22 H  N N 415 
VAL HG23 H  N N 416 
VAL HXT  H  N N 417 
# 
loop_
_chem_comp_bond.comp_id 
_chem_comp_bond.atom_id_1 
_chem_comp_bond.atom_id_2 
_chem_comp_bond.value_order 
_chem_comp_bond.pdbx_aromatic_flag 
_chem_comp_bond.pdbx_stereo_config 
_chem_comp_bond.pdbx_ordinal 
ALA N   CA   sing N N 1   
ALA N   H    sing N N 2   
ALA N   H2   sing N N 3   
ALA CA  C    sing N N 4   
ALA CA  CB   sing N N 5   
ALA CA  HA   sing N N 6   
ALA C   O    doub N N 7   
ALA C   OXT  sing N N 8   
ALA CB  HB1  sing N N 9   
ALA CB  HB2  sing N N 10  
ALA CB  HB3  sing N N 11  
ALA OXT HXT  sing N N 12  
ARG N   CA   sing N N 13  
ARG N   H    sing N N 14  
ARG N   H2   sing N N 15  
ARG CA  C    sing N N 16  
ARG CA  CB   sing N N 17  
ARG CA  HA   sing N N 18  
ARG C   O    doub N N 19  
ARG C   OXT  sing N N 20  
ARG CB  CG   sing N N 21  
ARG CB  HB2  sing N N 22  
ARG CB  HB3  sing N N 23  
ARG CG  CD   sing N N 24  
ARG CG  HG2  sing N N 25  
ARG CG  HG3  sing N N 26  
ARG CD  NE   sing N N 27  
ARG CD  HD2  sing N N 28  
ARG CD  HD3  sing N N 29  
ARG NE  CZ   sing N N 30  
ARG NE  HE   sing N N 31  
ARG CZ  NH1  sing N N 32  
ARG CZ  NH2  doub N N 33  
ARG NH1 HH11 sing N N 34  
ARG NH1 HH12 sing N N 35  
ARG NH2 HH21 sing N N 36  
ARG NH2 HH22 sing N N 37  
ARG OXT HXT  sing N N 38  
ASN N   CA   sing N N 39  
ASN N   H    sing N N 40  
ASN N   H2   sing N N 41  
ASN CA  C    sing N N 42  
ASN CA  CB   sing N N 43  
ASN CA  HA   sing N N 44  
ASN C   O    doub N N 45  
ASN C   OXT  sing N N 46  
ASN CB  CG   sing N N 47  
ASN CB  HB2  sing N N 48  
ASN CB  HB3  sing N N 49  
ASN CG  OD1  doub N N 50  
ASN CG  ND2  sing N N 51  
ASN ND2 HD21 sing N N 52  
ASN ND2 HD22 sing N N 53  
ASN OXT HXT  sing N N 54  
ASP N   CA   sing N N 55  
ASP N   H    sing N N 56  
ASP N   H2   sing N N 57  
ASP CA  C    sing N N 58  
ASP CA  CB   sing N N 59  
ASP CA  HA   sing N N 60  
ASP C   O    doub N N 61  
ASP C   OXT  sing N N 62  
ASP CB  CG   sing N N 63  
ASP CB  HB2  sing N N 64  
ASP CB  HB3  sing N N 65  
ASP CG  OD1  doub N N 66  
ASP CG  OD2  sing N N 67  
ASP OD2 HD2  sing N N 68  
ASP OXT HXT  sing N N 69  
CYS N   CA   sing N N 70  
CYS N   H    sing N N 71  
CYS N   H2   sing N N 72  
CYS CA  C    sing N N 73  
CYS CA  CB   sing N N 74  
CYS CA  HA   sing N N 75  
CYS C   O    doub N N 76  
CYS C   OXT  sing N N 77  
CYS CB  SG   sing N N 78  
CYS CB  HB2  sing N N 79  
CYS CB  HB3  sing N N 80  
CYS SG  HG   sing N N 81  
CYS OXT HXT  sing N N 82  
GLN N   CA   sing N N 83  
GLN N   H    sing N N 84  
GLN N   H2   sing N N 85  
GLN CA  C    sing N N 86  
GLN CA  CB   sing N N 87  
GLN CA  HA   sing N N 88  
GLN C   O    doub N N 89  
GLN C   OXT  sing N N 90  
GLN CB  CG   sing N N 91  
GLN CB  HB2  sing N N 92  
GLN CB  HB3  sing N N 93  
GLN CG  CD   sing N N 94  
GLN CG  HG2  sing N N 95  
GLN CG  HG3  sing N N 96  
GLN CD  OE1  doub N N 97  
GLN CD  NE2  sing N N 98  
GLN NE2 HE21 sing N N 99  
GLN NE2 HE22 sing N N 100 
GLN OXT HXT  sing N N 101 
GLU N   CA   sing N N 102 
GLU N   H    sing N N 103 
GLU N   H2   sing N N 104 
GLU CA  C    sing N N 105 
GLU CA  CB   sing N N 106 
GLU CA  HA   sing N N 107 
GLU C   O    doub N N 108 
GLU C   OXT  sing N N 109 
GLU CB  CG   sing N N 110 
GLU CB  HB2  sing N N 111 
GLU CB  HB3  sing N N 112 
GLU CG  CD   sing N N 113 
GLU CG  HG2  sing N N 114 
GLU CG  HG3  sing N N 115 
GLU CD  OE1  doub N N 116 
GLU CD  OE2  sing N N 117 
GLU OE2 HE2  sing N N 118 
GLU OXT HXT  sing N N 119 
GLY N   CA   sing N N 120 
GLY N   H    sing N N 121 
GLY N   H2   sing N N 122 
GLY CA  C    sing N N 123 
GLY CA  HA2  sing N N 124 
GLY CA  HA3  sing N N 125 
GLY C   O    doub N N 126 
GLY C   OXT  sing N N 127 
GLY OXT HXT  sing N N 128 
HIS N   CA   sing N N 129 
HIS N   H    sing N N 130 
HIS N   H2   sing N N 131 
HIS CA  C    sing N N 132 
HIS CA  CB   sing N N 133 
HIS CA  HA   sing N N 134 
HIS C   O    doub N N 135 
HIS C   OXT  sing N N 136 
HIS CB  CG   sing N N 137 
HIS CB  HB2  sing N N 138 
HIS CB  HB3  sing N N 139 
HIS CG  ND1  sing Y N 140 
HIS CG  CD2  doub Y N 141 
HIS ND1 CE1  doub Y N 142 
HIS ND1 HD1  sing N N 143 
HIS CD2 NE2  sing Y N 144 
HIS CD2 HD2  sing N N 145 
HIS CE1 NE2  sing Y N 146 
HIS CE1 HE1  sing N N 147 
HIS NE2 HE2  sing N N 148 
HIS OXT HXT  sing N N 149 
HOH O   H1   sing N N 150 
HOH O   H2   sing N N 151 
ILE N   CA   sing N N 152 
ILE N   H    sing N N 153 
ILE N   H2   sing N N 154 
ILE CA  C    sing N N 155 
ILE CA  CB   sing N N 156 
ILE CA  HA   sing N N 157 
ILE C   O    doub N N 158 
ILE C   OXT  sing N N 159 
ILE CB  CG1  sing N N 160 
ILE CB  CG2  sing N N 161 
ILE CB  HB   sing N N 162 
ILE CG1 CD1  sing N N 163 
ILE CG1 HG12 sing N N 164 
ILE CG1 HG13 sing N N 165 
ILE CG2 HG21 sing N N 166 
ILE CG2 HG22 sing N N 167 
ILE CG2 HG23 sing N N 168 
ILE CD1 HD11 sing N N 169 
ILE CD1 HD12 sing N N 170 
ILE CD1 HD13 sing N N 171 
ILE OXT HXT  sing N N 172 
K23 C1  CL2  sing N N 173 
K23 C1  C3   doub Y N 174 
K23 C1  C7   sing Y N 175 
K23 C3  C4   sing Y N 176 
K23 C4  C5   doub Y N 177 
K23 C5  C6   sing Y N 178 
K23 C5  C13  sing Y N 179 
K23 C6  C7   doub Y N 180 
K23 C6  N8   sing Y N 181 
K23 N8  C9   sing Y N 182 
K23 C9  C10  sing N N 183 
K23 C9  C13  doub Y N 184 
K23 C10 O11  sing N N 185 
K23 C10 O12  doub N N 186 
K23 C13 C14  sing Y N 187 
K23 C14 C15  doub Y N 188 
K23 C14 N24  sing Y N 189 
K23 C15 C16  sing Y N 190 
K23 C15 N22  sing Y N 191 
K23 C16 C17  doub Y N 192 
K23 C16 C21  sing Y N 193 
K23 C17 C18  sing Y N 194 
K23 C18 C19  doub Y N 195 
K23 C19 C20  sing Y N 196 
K23 C20 C21  doub Y N 197 
K23 N22 C23  doub Y N 198 
K23 C23 N24  sing Y N 199 
K23 N24 C25  sing N N 200 
K23 C25 C26  sing N N 201 
K23 C26 C27  doub Y N 202 
K23 C26 C32  sing Y N 203 
K23 C27 C28  sing Y N 204 
K23 C28 C29  doub Y N 205 
K23 C29 CL30 sing N N 206 
K23 C29 C31  sing Y N 207 
K23 C31 C32  doub Y N 208 
K23 C3  H3   sing N N 209 
K23 C4  H4   sing N N 210 
K23 C7  H7   sing N N 211 
K23 N8  HN8  sing N N 212 
K23 O11 HO11 sing N N 213 
K23 C17 H17  sing N N 214 
K23 C18 H18  sing N N 215 
K23 C19 H19  sing N N 216 
K23 C20 H20  sing N N 217 
K23 C21 H21  sing N N 218 
K23 C23 H23  sing N N 219 
K23 C25 H25  sing N N 220 
K23 C25 H25A sing N N 221 
K23 C27 H27  sing N N 222 
K23 C28 H28  sing N N 223 
K23 C31 H31  sing N N 224 
K23 C32 H32  sing N N 225 
LEU N   CA   sing N N 226 
LEU N   H    sing N N 227 
LEU N   H2   sing N N 228 
LEU CA  C    sing N N 229 
LEU CA  CB   sing N N 230 
LEU CA  HA   sing N N 231 
LEU C   O    doub N N 232 
LEU C   OXT  sing N N 233 
LEU CB  CG   sing N N 234 
LEU CB  HB2  sing N N 235 
LEU CB  HB3  sing N N 236 
LEU CG  CD1  sing N N 237 
LEU CG  CD2  sing N N 238 
LEU CG  HG   sing N N 239 
LEU CD1 HD11 sing N N 240 
LEU CD1 HD12 sing N N 241 
LEU CD1 HD13 sing N N 242 
LEU CD2 HD21 sing N N 243 
LEU CD2 HD22 sing N N 244 
LEU CD2 HD23 sing N N 245 
LEU OXT HXT  sing N N 246 
LYS N   CA   sing N N 247 
LYS N   H    sing N N 248 
LYS N   H2   sing N N 249 
LYS CA  C    sing N N 250 
LYS CA  CB   sing N N 251 
LYS CA  HA   sing N N 252 
LYS C   O    doub N N 253 
LYS C   OXT  sing N N 254 
LYS CB  CG   sing N N 255 
LYS CB  HB2  sing N N 256 
LYS CB  HB3  sing N N 257 
LYS CG  CD   sing N N 258 
LYS CG  HG2  sing N N 259 
LYS CG  HG3  sing N N 260 
LYS CD  CE   sing N N 261 
LYS CD  HD2  sing N N 262 
LYS CD  HD3  sing N N 263 
LYS CE  NZ   sing N N 264 
LYS CE  HE2  sing N N 265 
LYS CE  HE3  sing N N 266 
LYS NZ  HZ1  sing N N 267 
LYS NZ  HZ2  sing N N 268 
LYS NZ  HZ3  sing N N 269 
LYS OXT HXT  sing N N 270 
MET N   CA   sing N N 271 
MET N   H    sing N N 272 
MET N   H2   sing N N 273 
MET CA  C    sing N N 274 
MET CA  CB   sing N N 275 
MET CA  HA   sing N N 276 
MET C   O    doub N N 277 
MET C   OXT  sing N N 278 
MET CB  CG   sing N N 279 
MET CB  HB2  sing N N 280 
MET CB  HB3  sing N N 281 
MET CG  SD   sing N N 282 
MET CG  HG2  sing N N 283 
MET CG  HG3  sing N N 284 
MET SD  CE   sing N N 285 
MET CE  HE1  sing N N 286 
MET CE  HE2  sing N N 287 
MET CE  HE3  sing N N 288 
MET OXT HXT  sing N N 289 
PHE N   CA   sing N N 290 
PHE N   H    sing N N 291 
PHE N   H2   sing N N 292 
PHE CA  C    sing N N 293 
PHE CA  CB   sing N N 294 
PHE CA  HA   sing N N 295 
PHE C   O    doub N N 296 
PHE C   OXT  sing N N 297 
PHE CB  CG   sing N N 298 
PHE CB  HB2  sing N N 299 
PHE CB  HB3  sing N N 300 
PHE CG  CD1  doub Y N 301 
PHE CG  CD2  sing Y N 302 
PHE CD1 CE1  sing Y N 303 
PHE CD1 HD1  sing N N 304 
PHE CD2 CE2  doub Y N 305 
PHE CD2 HD2  sing N N 306 
PHE CE1 CZ   doub Y N 307 
PHE CE1 HE1  sing N N 308 
PHE CE2 CZ   sing Y N 309 
PHE CE2 HE2  sing N N 310 
PHE CZ  HZ   sing N N 311 
PHE OXT HXT  sing N N 312 
PRO N   CA   sing N N 313 
PRO N   CD   sing N N 314 
PRO N   H    sing N N 315 
PRO CA  C    sing N N 316 
PRO CA  CB   sing N N 317 
PRO CA  HA   sing N N 318 
PRO C   O    doub N N 319 
PRO C   OXT  sing N N 320 
PRO CB  CG   sing N N 321 
PRO CB  HB2  sing N N 322 
PRO CB  HB3  sing N N 323 
PRO CG  CD   sing N N 324 
PRO CG  HG2  sing N N 325 
PRO CG  HG3  sing N N 326 
PRO CD  HD2  sing N N 327 
PRO CD  HD3  sing N N 328 
PRO OXT HXT  sing N N 329 
SER N   CA   sing N N 330 
SER N   H    sing N N 331 
SER N   H2   sing N N 332 
SER CA  C    sing N N 333 
SER CA  CB   sing N N 334 
SER CA  HA   sing N N 335 
SER C   O    doub N N 336 
SER C   OXT  sing N N 337 
SER CB  OG   sing N N 338 
SER CB  HB2  sing N N 339 
SER CB  HB3  sing N N 340 
SER OG  HG   sing N N 341 
SER OXT HXT  sing N N 342 
SO4 S   O1   doub N N 343 
SO4 S   O2   doub N N 344 
SO4 S   O3   sing N N 345 
SO4 S   O4   sing N N 346 
THR N   CA   sing N N 347 
THR N   H    sing N N 348 
THR N   H2   sing N N 349 
THR CA  C    sing N N 350 
THR CA  CB   sing N N 351 
THR CA  HA   sing N N 352 
THR C   O    doub N N 353 
THR C   OXT  sing N N 354 
THR CB  OG1  sing N N 355 
THR CB  CG2  sing N N 356 
THR CB  HB   sing N N 357 
THR OG1 HG1  sing N N 358 
THR CG2 HG21 sing N N 359 
THR CG2 HG22 sing N N 360 
THR CG2 HG23 sing N N 361 
THR OXT HXT  sing N N 362 
TYR N   CA   sing N N 363 
TYR N   H    sing N N 364 
TYR N   H2   sing N N 365 
TYR CA  C    sing N N 366 
TYR CA  CB   sing N N 367 
TYR CA  HA   sing N N 368 
TYR C   O    doub N N 369 
TYR C   OXT  sing N N 370 
TYR CB  CG   sing N N 371 
TYR CB  HB2  sing N N 372 
TYR CB  HB3  sing N N 373 
TYR CG  CD1  doub Y N 374 
TYR CG  CD2  sing Y N 375 
TYR CD1 CE1  sing Y N 376 
TYR CD1 HD1  sing N N 377 
TYR CD2 CE2  doub Y N 378 
TYR CD2 HD2  sing N N 379 
TYR CE1 CZ   doub Y N 380 
TYR CE1 HE1  sing N N 381 
TYR CE2 CZ   sing Y N 382 
TYR CE2 HE2  sing N N 383 
TYR CZ  OH   sing N N 384 
TYR OH  HH   sing N N 385 
TYR OXT HXT  sing N N 386 
VAL N   CA   sing N N 387 
VAL N   H    sing N N 388 
VAL N   H2   sing N N 389 
VAL CA  C    sing N N 390 
VAL CA  CB   sing N N 391 
VAL CA  HA   sing N N 392 
VAL C   O    doub N N 393 
VAL C   OXT  sing N N 394 
VAL CB  CG1  sing N N 395 
VAL CB  CG2  sing N N 396 
VAL CB  HB   sing N N 397 
VAL CG1 HG11 sing N N 398 
VAL CG1 HG12 sing N N 399 
VAL CG1 HG13 sing N N 400 
VAL CG2 HG21 sing N N 401 
VAL CG2 HG22 sing N N 402 
VAL CG2 HG23 sing N N 403 
VAL OXT HXT  sing N N 404 
# 
loop_
_pdbx_entity_nonpoly.entity_id 
_pdbx_entity_nonpoly.name 
_pdbx_entity_nonpoly.comp_id 
2 '6-chloro-3-[1-(4-chlorobenzyl)-4-phenyl-1H-imidazol-5-yl]-1H-indole-2-carboxylic acid' K23 
3 'SULFATE ION'                                                                           SO4 
4 water                                                                                   HOH 
# 
_pdbx_initial_refinement_model.id               1 
_pdbx_initial_refinement_model.entity_id_list   ? 
_pdbx_initial_refinement_model.type             'experimental model' 
_pdbx_initial_refinement_model.source_name      PDB 
_pdbx_initial_refinement_model.accession_code   1RV1 
_pdbx_initial_refinement_model.details          ? 
# 
